data_5L3C
#
_entry.id   5L3C
#
_cell.length_a   120.368
_cell.length_b   180.389
_cell.length_c   235.422
_cell.angle_alpha   90.00
_cell.angle_beta   90.00
_cell.angle_gamma   90.00
#
_symmetry.space_group_name_H-M   'I 2 2 2'
#
loop_
_entity.id
_entity.type
_entity.pdbx_description
1 polymer 'Lysine-specific histone demethylase 1A'
2 polymer 'REST corepressor 1'
3 non-polymer 'FLAVIN-ADENINE DINUCLEOTIDE'
#
loop_
_entity_poly.entity_id
_entity_poly.type
_entity_poly.pdbx_seq_one_letter_code
_entity_poly.pdbx_strand_id
1 'polypeptide(L)'
;MLSGKKAAAAAAAAAAAATGTEAGPGTAGGSENGSEVAAQPAGLSGPAEVGPGAVGERTPRKKEPPRASPPGGLAEPPGS
AGPQAGPTVVPGSATPMETGIAETPEGRRTSRRKRAKVEYREMDESLANLSEDEYYSEEERNAKAEKEKKLPPPPPQAPP
EEENESEPEEPSGVEGAAFQSRLPHDRMTSQEAACFPDIISGPQQTQKVFLFIRNRTLQLWLDNPKIQLTFEATLQQLEA
PYNSDTVLVHRVHSYLERHGLINFGIYKRIKPLPTKKTGKVIIIGSGVSGLAAARQLQSFGMDVTLLEARDRVGGRVATF
RKGNYVADLGAMVVTGLGGNPMAVVSKQVNMELAKIKQKCPLYEANGQAVPKEKDEMVKQEFNRLLEATSYLSHQLDFNV
LNNKPVSLGQALEVVIQLQEKHVKDEQIEHWKKIVKTQEELKELLNKMVNLKEKIKELHQQYKEASEVKPPRDITAEFLV
KSKHRDLTALCKEYDELAETQGKLEEKLQELEANPPSDVYLSSRDRQILDWHFANLEFANATPLSTLSLKHWDQDDDFEF
TGSHLTVRNGYSCVPVALAEGLDIKLNTAVRQVRYTASGCEVIAVNTRSTSQTFIYKCDAVLCTLPLGVLKQQPPAVQFV
PPLPEWKTSAVQRMGFGNLNKVVLCFDRVFWDPSVNLFGHVGSTTASRGELFLFWNLYKAPILLALVAGEAAGIMENISD
DVIVGRCLAILKGIFGSSAVPQPKETVVSRWRADPWARGSYSYVAAGSSGNDYDLMAQPITPGPSIPGAPQPIPRLFFAG
EHTIRNYPATVHGALLSGLREAGRIADQFLGAMYTLPRQATPGVPAQQSPSM
;
A
2 'polypeptide(L)'
;MVEKGPEVSGKRRGRNNAAASASAAAASAAASAACASPAATAASGAAASSASAAAASAAAAPNNGQNKSLAAAAPNGNSS
SNSWEEGSSGSSSDEEHGGGGMRVGPQYQAVVPDFDPAKLARRSQERDNLGMLVWSPNQNLSEAKLDEYIAIAKEKHGYN
MEQALGMLFWHKHNIEKSLADLPNFTPFPDEWTVEDKVLFEQAFSFHGKTFHRIQQMLPDKSIASLVKFYYSWKKTRTKT
SVMDRHARKQKREREESEDELEEANGNNPIDIEVDQNKESKKEVPPTETVPQVKKEKHSTQAKNRAKRKPPKGMFLSQED
VEAVSANATAATTVLRQLDMELVSVKRQIQNIKQTNSALKEKLDGGIEPYRLPEVIQKCNARWTTEEQLLAVQAIRKYGR
DFQAISDVIGNKSVVQVKNFFVNYRRRFNIDEVLQEWEAEHGKEETNGPSNQKPVKSPDNSIKMPEEEDEAPVLDVRYAS
AS
;
B
#
loop_
_chem_comp.id
_chem_comp.type
_chem_comp.name
_chem_comp.formula
FAD non-polymer 'FLAVIN-ADENINE DINUCLEOTIDE' 'C27 H33 N9 O15 P2'
#
# COMPACT_ATOMS: atom_id res chain seq x y z
N PRO A 171 10.01 18.56 19.95
CA PRO A 171 10.78 18.16 21.13
C PRO A 171 11.61 19.32 21.76
N SER A 172 11.54 19.47 23.09
CA SER A 172 12.14 20.61 23.81
C SER A 172 13.16 20.22 24.89
N GLY A 173 14.30 20.90 24.86
CA GLY A 173 15.31 20.79 25.90
C GLY A 173 16.37 19.75 25.59
N VAL A 174 16.86 19.09 26.65
CA VAL A 174 17.80 17.96 26.53
C VAL A 174 17.17 16.82 25.75
N GLU A 175 15.89 16.58 25.96
CA GLU A 175 15.12 15.51 25.28
C GLU A 175 15.12 15.66 23.75
N GLY A 176 15.18 16.90 23.28
CA GLY A 176 15.26 17.19 21.85
C GLY A 176 16.55 16.75 21.21
N ALA A 177 17.65 16.85 21.96
CA ALA A 177 18.96 16.36 21.51
C ALA A 177 19.04 14.82 21.44
N ALA A 178 18.37 14.16 22.38
CA ALA A 178 18.26 12.70 22.39
C ALA A 178 17.52 12.24 21.14
N PHE A 179 16.33 12.80 20.93
CA PHE A 179 15.56 12.52 19.73
C PHE A 179 16.36 12.85 18.47
N GLN A 180 17.00 14.03 18.43
CA GLN A 180 17.77 14.43 17.24
C GLN A 180 18.96 13.50 16.94
N SER A 181 19.49 12.86 18.00
CA SER A 181 20.55 11.82 17.87
C SER A 181 20.03 10.38 17.74
N ARG A 182 18.73 10.21 17.47
CA ARG A 182 18.09 8.91 17.31
C ARG A 182 18.17 8.03 18.57
N LEU A 183 18.07 8.66 19.75
CA LEU A 183 18.12 7.95 21.03
C LEU A 183 16.93 8.27 21.94
N PRO A 184 16.43 7.26 22.67
CA PRO A 184 15.34 7.49 23.61
C PRO A 184 15.82 8.21 24.88
N HIS A 185 15.35 9.44 25.10
CA HIS A 185 15.80 10.26 26.25
C HIS A 185 15.69 9.58 27.62
N ASP A 186 14.64 8.78 27.83
CA ASP A 186 14.34 8.24 29.16
C ASP A 186 14.81 6.79 29.43
N ARG A 187 15.57 6.20 28.50
CA ARG A 187 15.95 4.79 28.62
C ARG A 187 17.36 4.57 28.06
N MET A 188 18.14 3.72 28.72
CA MET A 188 19.50 3.43 28.26
C MET A 188 19.43 2.41 27.12
N THR A 189 20.22 2.62 26.06
CA THR A 189 20.20 1.74 24.87
C THR A 189 20.96 0.44 25.11
N SER A 190 20.79 -0.53 24.23
CA SER A 190 21.53 -1.80 24.30
C SER A 190 23.05 -1.60 24.27
N GLN A 191 23.49 -0.74 23.35
CA GLN A 191 24.89 -0.32 23.26
C GLN A 191 25.45 0.34 24.55
N GLU A 192 24.65 1.20 25.15
CA GLU A 192 25.05 1.88 26.36
C GLU A 192 25.18 0.88 27.49
N ALA A 193 24.24 -0.06 27.60
CA ALA A 193 24.37 -1.14 28.58
C ALA A 193 25.68 -1.95 28.44
N ALA A 194 26.12 -2.16 27.21
CA ALA A 194 27.38 -2.85 26.97
C ALA A 194 28.57 -2.10 27.53
N CYS A 195 28.65 -0.79 27.27
CA CYS A 195 29.77 0.02 27.77
C CYS A 195 29.61 0.45 29.22
N PHE A 196 28.38 0.47 29.73
CA PHE A 196 28.10 0.98 31.07
C PHE A 196 27.25 -0.01 31.89
N PRO A 197 27.69 -1.26 31.98
CA PRO A 197 26.89 -2.27 32.70
C PRO A 197 26.77 -2.02 34.20
N ASP A 198 27.82 -1.44 34.80
CA ASP A 198 27.77 -1.04 36.21
C ASP A 198 26.56 -0.15 36.49
N ILE A 199 26.28 0.79 35.60
CA ILE A 199 25.23 1.80 35.78
C ILE A 199 23.84 1.22 35.62
N ILE A 200 23.63 0.57 34.49
CA ILE A 200 22.33 0.05 34.12
C ILE A 200 21.91 -1.13 34.98
N SER A 201 22.86 -1.92 35.48
CA SER A 201 22.54 -2.99 36.44
C SER A 201 22.26 -2.40 37.81
N GLY A 202 22.86 -1.24 38.06
CA GLY A 202 22.74 -0.52 39.30
C GLY A 202 21.45 0.23 39.48
N PRO A 203 21.41 1.16 40.45
CA PRO A 203 20.16 1.76 40.87
C PRO A 203 19.59 2.82 39.91
N GLN A 204 18.26 2.92 39.93
CA GLN A 204 17.46 3.78 39.03
C GLN A 204 17.90 5.22 39.03
N GLN A 205 18.36 5.67 40.20
CA GLN A 205 18.83 7.03 40.37
C GLN A 205 20.02 7.28 39.46
N THR A 206 21.05 6.46 39.61
CA THR A 206 22.29 6.60 38.82
C THR A 206 22.02 6.67 37.33
N GLN A 207 21.05 5.87 36.88
CA GLN A 207 20.68 5.83 35.46
C GLN A 207 20.17 7.16 34.94
N LYS A 208 19.28 7.81 35.70
CA LYS A 208 18.77 9.14 35.33
C LYS A 208 19.89 10.19 35.24
N VAL A 209 20.87 10.05 36.12
CA VAL A 209 22.07 10.91 36.09
C VAL A 209 22.76 10.69 34.74
N PHE A 210 23.11 9.43 34.48
CA PHE A 210 23.73 9.04 33.21
C PHE A 210 22.97 9.65 32.05
N LEU A 211 21.69 9.33 31.98
CA LEU A 211 20.84 9.73 30.87
C LEU A 211 20.89 11.23 30.65
N PHE A 212 20.75 12.01 31.74
CA PHE A 212 20.85 13.48 31.65
C PHE A 212 22.21 13.93 31.11
N ILE A 213 23.28 13.32 31.61
CA ILE A 213 24.64 13.73 31.23
C ILE A 213 24.78 13.53 29.72
N ARG A 214 24.36 12.34 29.28
CA ARG A 214 24.38 11.96 27.87
C ARG A 214 23.58 12.96 27.04
N ASN A 215 22.35 13.20 27.47
CA ASN A 215 21.44 14.08 26.73
C ASN A 215 22.01 15.48 26.64
N ARG A 216 22.52 15.98 27.77
CA ARG A 216 23.13 17.32 27.87
C ARG A 216 24.37 17.44 26.97
N THR A 217 25.26 16.47 27.08
CA THR A 217 26.49 16.44 26.28
C THR A 217 26.21 16.47 24.77
N LEU A 218 25.12 15.78 24.39
CA LEU A 218 24.63 15.78 23.01
C LEU A 218 24.17 17.18 22.64
N GLN A 219 23.24 17.69 23.45
CA GLN A 219 22.68 19.03 23.26
C GLN A 219 23.76 20.02 22.94
N LEU A 220 24.81 20.03 23.77
CA LEU A 220 25.95 20.95 23.62
C LEU A 220 26.60 20.86 22.26
N TRP A 221 26.86 19.62 21.83
CA TRP A 221 27.45 19.36 20.51
C TRP A 221 26.54 19.88 19.40
N LEU A 222 25.26 19.54 19.51
CA LEU A 222 24.28 19.88 18.48
C LEU A 222 24.10 21.39 18.31
N ASP A 223 24.00 22.11 19.43
CA ASP A 223 23.80 23.56 19.40
C ASP A 223 24.97 24.28 18.74
N ASN A 224 26.14 23.67 18.70
CA ASN A 224 27.23 24.20 17.91
C ASN A 224 28.16 23.08 17.39
N PRO A 225 27.83 22.54 16.22
CA PRO A 225 28.56 21.41 15.67
C PRO A 225 29.69 21.81 14.71
N LYS A 226 30.03 23.11 14.63
CA LYS A 226 31.20 23.54 13.86
C LYS A 226 32.53 23.57 14.68
N ILE A 227 32.49 23.18 15.96
CA ILE A 227 33.70 23.12 16.80
C ILE A 227 33.73 21.92 17.74
N GLN A 228 34.91 21.30 17.86
CA GLN A 228 35.10 20.16 18.74
C GLN A 228 34.51 20.48 20.09
N LEU A 229 33.78 19.53 20.68
CA LEU A 229 33.44 19.58 22.08
C LEU A 229 34.40 18.70 22.89
N THR A 230 35.16 19.35 23.78
CA THR A 230 36.13 18.68 24.65
C THR A 230 35.49 18.30 25.97
N PHE A 231 36.12 17.36 26.66
CA PHE A 231 35.67 16.93 27.99
C PHE A 231 35.59 18.08 28.97
N GLU A 232 36.55 19.00 28.88
CA GLU A 232 36.59 20.17 29.75
C GLU A 232 35.36 21.01 29.45
N ALA A 233 35.22 21.41 28.20
CA ALA A 233 34.09 22.24 27.74
C ALA A 233 32.75 21.65 28.20
N THR A 234 32.65 20.33 28.15
CA THR A 234 31.46 19.61 28.58
C THR A 234 31.25 19.73 30.09
N LEU A 235 32.29 19.37 30.85
CA LEU A 235 32.23 19.39 32.32
C LEU A 235 32.00 20.78 32.85
N GLN A 236 32.58 21.77 32.15
CA GLN A 236 32.34 23.17 32.42
C GLN A 236 30.84 23.46 32.53
N GLN A 237 30.10 23.16 31.47
CA GLN A 237 28.68 23.53 31.39
C GLN A 237 27.76 22.68 32.28
N LEU A 238 28.25 21.54 32.77
CA LEU A 238 27.43 20.70 33.66
C LEU A 238 27.21 21.30 35.07
N GLU A 239 26.02 21.04 35.62
CA GLU A 239 25.60 21.49 36.96
C GLU A 239 25.72 20.37 37.98
N ALA A 240 25.72 20.72 39.26
CA ALA A 240 25.59 19.73 40.33
C ALA A 240 24.12 19.28 40.36
N PRO A 241 23.80 18.07 40.84
CA PRO A 241 24.78 17.06 41.30
C PRO A 241 25.59 16.36 40.19
N TYR A 242 25.26 16.62 38.92
CA TYR A 242 25.74 15.83 37.77
C TYR A 242 27.23 15.97 37.52
N ASN A 243 27.76 17.18 37.69
CA ASN A 243 29.20 17.46 37.53
C ASN A 243 30.09 17.04 38.71
N SER A 244 29.51 16.39 39.73
CA SER A 244 30.28 15.88 40.87
C SER A 244 31.19 14.71 40.48
N ASP A 245 30.57 13.68 39.89
CA ASP A 245 31.29 12.48 39.45
C ASP A 245 31.94 12.74 38.10
N THR A 246 33.26 12.93 38.05
CA THR A 246 33.93 13.31 36.80
C THR A 246 34.40 12.13 35.96
N VAL A 247 34.62 10.96 36.56
CA VAL A 247 34.85 9.75 35.75
C VAL A 247 33.59 9.32 34.99
N LEU A 248 32.42 9.51 35.58
CA LEU A 248 31.17 9.27 34.87
C LEU A 248 30.98 10.23 33.68
N VAL A 249 31.21 11.51 33.92
CA VAL A 249 31.14 12.51 32.85
C VAL A 249 32.24 12.27 31.80
N HIS A 250 33.41 11.80 32.22
CA HIS A 250 34.47 11.48 31.26
C HIS A 250 34.12 10.27 30.42
N ARG A 251 33.60 9.22 31.05
CA ARG A 251 33.19 7.99 30.33
C ARG A 251 32.13 8.28 29.27
N VAL A 252 31.10 9.00 29.68
CA VAL A 252 30.04 9.43 28.77
C VAL A 252 30.60 10.20 27.58
N HIS A 253 31.31 11.31 27.82
CA HIS A 253 31.90 12.08 26.70
C HIS A 253 32.78 11.23 25.80
N SER A 254 33.51 10.27 26.37
CA SER A 254 34.38 9.39 25.58
C SER A 254 33.57 8.45 24.69
N TYR A 255 32.61 7.75 25.30
CA TYR A 255 31.66 6.91 24.56
C TYR A 255 31.02 7.63 23.39
N LEU A 256 30.42 8.79 23.66
CA LEU A 256 29.76 9.55 22.60
C LEU A 256 30.74 9.90 21.49
N GLU A 257 31.89 10.45 21.88
CA GLU A 257 32.90 10.88 20.92
C GLU A 257 33.35 9.73 20.01
N ARG A 258 33.44 8.54 20.62
CA ARG A 258 33.94 7.34 19.94
C ARG A 258 32.99 6.90 18.85
N HIS A 259 31.73 6.70 19.23
CA HIS A 259 30.72 6.21 18.32
C HIS A 259 30.09 7.26 17.41
N GLY A 260 30.69 8.44 17.30
CA GLY A 260 30.27 9.45 16.34
C GLY A 260 28.94 10.13 16.62
N LEU A 261 28.49 10.09 17.88
CA LEU A 261 27.30 10.83 18.28
C LEU A 261 27.63 12.30 18.50
N ILE A 262 28.89 12.58 18.83
CA ILE A 262 29.46 13.95 18.93
C ILE A 262 30.85 14.02 18.27
N ASN A 263 31.23 15.21 17.82
CA ASN A 263 32.50 15.45 17.10
C ASN A 263 32.66 14.53 15.88
N PHE A 264 31.70 14.65 14.96
CA PHE A 264 31.74 13.96 13.65
C PHE A 264 31.47 14.97 12.55
N GLY A 265 32.04 14.71 11.37
CA GLY A 265 31.87 15.59 10.21
C GLY A 265 33.04 16.52 10.01
N ILE A 266 32.76 17.78 9.72
CA ILE A 266 33.77 18.85 9.61
C ILE A 266 33.65 19.87 10.76
N TYR A 267 34.49 19.69 11.78
CA TYR A 267 34.49 20.55 12.97
C TYR A 267 35.89 21.10 13.13
N LYS A 268 36.01 22.26 13.77
CA LYS A 268 37.33 22.83 14.12
C LYS A 268 37.85 22.19 15.39
N ARG A 269 39.01 21.55 15.27
CA ARG A 269 39.66 20.90 16.39
C ARG A 269 40.22 21.99 17.29
N ILE A 270 40.03 21.86 18.60
CA ILE A 270 40.75 22.72 19.55
C ILE A 270 42.20 22.22 19.63
N LYS A 271 42.36 20.95 20.00
CA LYS A 271 43.68 20.32 20.23
C LYS A 271 44.17 19.68 18.93
N PRO A 272 45.07 20.36 18.18
CA PRO A 272 45.51 19.75 16.90
C PRO A 272 46.03 18.31 17.04
N LEU A 273 45.88 17.52 15.98
CA LEU A 273 46.05 16.07 16.01
C LEU A 273 47.30 15.60 16.74
N PRO A 274 47.19 14.49 17.50
CA PRO A 274 48.37 13.81 18.07
C PRO A 274 49.56 13.75 17.11
N THR A 275 50.75 14.05 17.64
CA THR A 275 51.97 14.14 16.84
C THR A 275 52.15 12.90 15.91
N LYS A 276 51.97 11.70 16.48
CA LYS A 276 52.11 10.43 15.76
C LYS A 276 50.89 9.52 15.93
N LYS A 277 50.83 8.56 15.01
CA LYS A 277 49.65 7.72 14.80
C LYS A 277 49.81 6.35 15.40
N THR A 278 48.69 5.69 15.62
CA THR A 278 48.64 4.33 16.12
C THR A 278 47.80 3.51 15.17
N GLY A 279 48.36 2.45 14.58
CA GLY A 279 47.60 1.53 13.73
C GLY A 279 47.37 2.06 12.32
N LYS A 280 47.31 1.14 11.36
CA LYS A 280 47.12 1.45 9.94
C LYS A 280 45.90 0.72 9.37
N VAL A 281 44.98 1.49 8.78
CA VAL A 281 43.71 0.98 8.21
C VAL A 281 43.53 1.43 6.77
N ILE A 282 43.36 0.45 5.89
CA ILE A 282 42.95 0.69 4.50
C ILE A 282 41.43 0.65 4.40
N ILE A 283 40.86 1.72 3.84
CA ILE A 283 39.42 1.84 3.57
C ILE A 283 39.18 1.72 2.08
N ILE A 284 38.38 0.74 1.67
CA ILE A 284 38.05 0.57 0.27
C ILE A 284 36.85 1.44 -0.07
N GLY A 285 37.11 2.45 -0.89
CA GLY A 285 36.09 3.30 -1.47
C GLY A 285 35.88 4.54 -0.65
N SER A 286 35.84 5.69 -1.34
CA SER A 286 35.56 7.01 -0.71
C SER A 286 34.11 7.45 -0.92
N GLY A 287 33.16 6.52 -0.74
CA GLY A 287 31.75 6.87 -0.62
C GLY A 287 31.49 7.54 0.71
N VAL A 288 30.28 8.05 0.91
CA VAL A 288 29.99 8.76 2.16
C VAL A 288 30.24 7.87 3.40
N SER A 289 30.02 6.56 3.26
CA SER A 289 30.39 5.61 4.32
C SER A 289 31.89 5.73 4.60
N GLY A 290 32.68 5.54 3.55
CA GLY A 290 34.14 5.53 3.66
C GLY A 290 34.69 6.80 4.27
N LEU A 291 34.29 7.91 3.67
CA LEU A 291 34.77 9.22 4.06
C LEU A 291 34.43 9.50 5.52
N ALA A 292 33.25 9.08 5.95
CA ALA A 292 32.83 9.29 7.32
C ALA A 292 33.67 8.50 8.30
N ALA A 293 33.94 7.24 7.94
CA ALA A 293 34.75 6.36 8.78
C ALA A 293 36.17 6.90 8.89
N ALA A 294 36.78 7.15 7.73
CA ALA A 294 38.11 7.75 7.62
C ALA A 294 38.30 8.95 8.54
N ARG A 295 37.48 9.98 8.37
CA ARG A 295 37.55 11.14 9.24
C ARG A 295 37.50 10.84 10.72
N GLN A 296 36.69 9.86 11.12
CA GLN A 296 36.63 9.42 12.51
C GLN A 296 37.92 8.76 12.99
N LEU A 297 38.44 7.83 12.18
CA LEU A 297 39.65 7.09 12.52
C LEU A 297 40.90 7.99 12.60
N GLN A 298 41.06 8.86 11.61
CA GLN A 298 42.08 9.91 11.65
C GLN A 298 41.86 10.84 12.86
N SER A 299 40.63 11.28 13.08
CA SER A 299 40.25 11.96 14.32
C SER A 299 40.66 11.19 15.59
N PHE A 300 40.70 9.86 15.52
CA PHE A 300 41.18 9.05 16.65
C PHE A 300 42.67 8.74 16.57
N GLY A 301 43.42 9.49 15.76
CA GLY A 301 44.83 9.21 15.50
C GLY A 301 45.12 7.80 14.99
N MET A 302 44.74 7.52 13.76
CA MET A 302 45.17 6.30 13.11
C MET A 302 45.62 6.67 11.72
N ASP A 303 46.36 5.76 11.10
CA ASP A 303 46.86 5.97 9.75
C ASP A 303 45.81 5.43 8.80
N VAL A 304 45.22 6.34 8.05
CA VAL A 304 44.04 6.07 7.26
C VAL A 304 44.31 6.40 5.80
N THR A 305 44.15 5.41 4.93
CA THR A 305 44.25 5.63 3.48
C THR A 305 43.09 4.94 2.72
N LEU A 306 42.38 5.76 1.92
CA LEU A 306 41.22 5.34 1.16
C LEU A 306 41.62 5.04 -0.29
N LEU A 307 41.10 3.94 -0.86
CA LEU A 307 41.34 3.57 -2.25
C LEU A 307 40.06 3.62 -3.07
N GLU A 308 40.02 4.53 -4.04
CA GLU A 308 38.84 4.78 -4.86
C GLU A 308 39.19 4.39 -6.28
N ALA A 309 38.33 3.58 -6.92
CA ALA A 309 38.50 3.23 -8.36
C ALA A 309 38.17 4.40 -9.30
N ARG A 310 37.19 5.21 -8.87
CA ARG A 310 36.81 6.41 -9.60
C ARG A 310 37.87 7.50 -9.55
N ASP A 311 37.65 8.52 -10.37
CA ASP A 311 38.49 9.74 -10.38
C ASP A 311 37.84 10.84 -9.55
N ARG A 312 37.05 10.48 -8.55
CA ARG A 312 36.28 11.46 -7.78
C ARG A 312 35.69 10.80 -6.55
N VAL A 313 35.52 11.60 -5.51
CA VAL A 313 34.92 11.09 -4.28
C VAL A 313 33.40 11.03 -4.38
N GLY A 314 32.75 10.51 -3.34
CA GLY A 314 31.28 10.54 -3.20
C GLY A 314 30.60 9.26 -3.66
N GLY A 315 31.14 8.67 -4.75
CA GLY A 315 30.54 7.50 -5.35
C GLY A 315 29.12 7.77 -5.83
N ARG A 316 28.17 7.08 -5.21
CA ARG A 316 26.74 7.21 -5.56
C ARG A 316 26.13 8.55 -5.12
N VAL A 317 26.97 9.46 -4.62
CA VAL A 317 26.65 10.88 -4.57
C VAL A 317 27.42 11.54 -5.71
N ALA A 318 26.84 11.46 -6.90
CA ALA A 318 27.29 12.20 -8.06
C ALA A 318 26.51 13.50 -8.19
N THR A 319 27.17 14.48 -8.81
CA THR A 319 26.55 15.76 -9.17
C THR A 319 27.12 16.23 -10.52
N PHE A 320 26.23 16.38 -11.51
CA PHE A 320 26.57 16.95 -12.81
C PHE A 320 26.64 18.46 -12.68
N ARG A 321 27.77 19.02 -13.13
CA ARG A 321 28.02 20.46 -13.16
C ARG A 321 28.48 20.87 -14.55
N LYS A 322 27.91 21.97 -15.06
CA LYS A 322 28.33 22.57 -16.33
C LYS A 322 27.73 23.97 -16.45
N GLY A 323 28.58 24.99 -16.62
CA GLY A 323 28.14 26.38 -16.57
C GLY A 323 27.52 26.72 -15.22
N ASN A 324 26.27 27.21 -15.25
CA ASN A 324 25.44 27.43 -14.05
C ASN A 324 24.46 26.29 -13.76
N TYR A 325 24.44 25.29 -14.64
CA TYR A 325 23.57 24.13 -14.46
C TYR A 325 24.21 23.18 -13.46
N VAL A 326 23.41 22.66 -12.54
CA VAL A 326 23.86 21.74 -11.51
C VAL A 326 22.75 20.74 -11.23
N ALA A 327 23.00 19.45 -11.48
CA ALA A 327 21.95 18.41 -11.30
C ALA A 327 22.45 17.04 -10.81
N ASP A 328 22.01 16.63 -9.61
CA ASP A 328 22.47 15.39 -9.02
C ASP A 328 22.00 14.16 -9.78
N LEU A 329 22.94 13.36 -10.26
CA LEU A 329 22.64 12.08 -10.91
C LEU A 329 22.50 10.94 -9.93
N GLY A 330 22.90 11.17 -8.68
CA GLY A 330 22.82 10.18 -7.60
C GLY A 330 21.93 10.76 -6.54
N ALA A 331 22.37 10.71 -5.29
CA ALA A 331 21.52 11.20 -4.21
C ALA A 331 21.11 12.63 -4.45
N MET A 332 19.86 12.94 -4.10
CA MET A 332 19.29 14.29 -4.24
C MET A 332 18.51 14.86 -3.07
N VAL A 333 17.93 14.01 -2.23
CA VAL A 333 16.94 14.43 -1.25
C VAL A 333 17.35 14.10 0.18
N VAL A 334 17.23 15.09 1.05
CA VAL A 334 17.42 14.87 2.48
C VAL A 334 16.04 14.56 3.04
N THR A 335 15.84 13.34 3.54
CA THR A 335 14.51 12.83 3.83
C THR A 335 14.06 13.26 5.23
N GLY A 336 13.97 14.56 5.44
CA GLY A 336 13.56 15.14 6.73
C GLY A 336 14.77 15.36 7.60
N LEU A 337 14.73 16.41 8.43
CA LEU A 337 15.83 16.74 9.35
C LEU A 337 15.65 16.21 10.77
N GLY A 338 14.43 15.81 11.12
CA GLY A 338 14.12 15.32 12.46
C GLY A 338 14.74 13.97 12.82
N GLY A 339 15.90 14.03 13.45
CA GLY A 339 16.66 12.83 13.78
C GLY A 339 17.77 12.55 12.81
N ASN A 340 17.88 13.36 11.75
CA ASN A 340 18.81 13.11 10.68
C ASN A 340 20.20 13.65 11.02
N PRO A 341 21.25 12.81 10.92
CA PRO A 341 22.60 13.29 11.12
C PRO A 341 23.13 14.16 9.99
N MET A 342 22.47 14.14 8.82
CA MET A 342 22.75 15.12 7.78
C MET A 342 22.28 16.53 8.13
N ALA A 343 21.37 16.65 9.09
CA ALA A 343 21.01 17.97 9.65
C ALA A 343 22.24 18.66 10.26
N VAL A 344 23.01 17.90 11.03
CA VAL A 344 24.27 18.35 11.63
C VAL A 344 25.34 18.71 10.58
N VAL A 345 25.46 17.90 9.55
CA VAL A 345 26.41 18.16 8.48
C VAL A 345 25.95 19.33 7.62
N SER A 346 24.64 19.52 7.52
CA SER A 346 24.09 20.63 6.74
C SER A 346 24.40 21.99 7.37
N LYS A 347 24.65 22.04 8.68
CA LYS A 347 25.12 23.25 9.35
C LYS A 347 26.64 23.41 9.25
N GLN A 348 27.35 22.29 9.29
CA GLN A 348 28.82 22.26 9.12
C GLN A 348 29.30 22.63 7.72
N VAL A 349 28.51 22.31 6.71
CA VAL A 349 28.76 22.74 5.35
C VAL A 349 27.57 23.62 4.97
N ASN A 350 27.82 24.70 4.23
CA ASN A 350 26.74 25.45 3.58
C ASN A 350 25.93 24.55 2.62
N MET A 351 24.66 24.34 2.96
CA MET A 351 23.77 23.57 2.09
C MET A 351 22.56 24.44 1.79
N GLU A 352 22.44 24.85 0.53
CA GLU A 352 21.25 25.51 0.06
C GLU A 352 20.14 24.46 0.05
N LEU A 353 19.49 24.31 1.19
CA LEU A 353 18.44 23.32 1.35
C LEU A 353 17.06 23.91 1.05
N ALA A 354 16.59 23.67 -0.17
CA ALA A 354 15.23 24.04 -0.61
C ALA A 354 14.26 22.91 -0.31
N LYS A 355 13.13 23.24 0.31
CA LYS A 355 12.05 22.28 0.55
C LYS A 355 11.43 21.76 -0.76
N ILE A 356 10.51 20.82 -0.63
CA ILE A 356 9.81 20.27 -1.77
C ILE A 356 8.33 20.33 -1.46
N LYS A 357 7.62 21.17 -2.22
CA LYS A 357 6.17 21.18 -2.23
C LYS A 357 5.78 19.92 -2.99
N GLN A 358 5.00 19.07 -2.35
CA GLN A 358 4.81 17.69 -2.81
C GLN A 358 3.79 17.54 -3.93
N LYS A 359 2.96 18.56 -4.18
CA LYS A 359 1.85 18.44 -5.13
C LYS A 359 2.35 18.13 -6.55
N CYS A 360 1.90 17.00 -7.08
CA CYS A 360 2.36 16.46 -8.35
C CYS A 360 1.16 16.15 -9.23
N PRO A 361 0.88 17.01 -10.21
CA PRO A 361 -0.20 16.73 -11.18
C PRO A 361 0.22 15.73 -12.26
N LEU A 362 -0.66 14.78 -12.59
CA LEU A 362 -0.39 13.68 -13.55
C LEU A 362 -1.00 13.95 -14.93
N TYR A 363 -0.27 13.58 -15.97
CA TYR A 363 -0.63 13.93 -17.33
C TYR A 363 -0.62 12.66 -18.15
N GLU A 364 -1.79 12.11 -18.44
CA GLU A 364 -1.93 10.90 -19.28
C GLU A 364 -1.22 11.01 -20.62
N ALA A 365 -1.20 9.92 -21.38
CA ALA A 365 -0.46 9.85 -22.64
C ALA A 365 -0.87 10.92 -23.68
N ASN A 366 -2.17 11.24 -23.73
CA ASN A 366 -2.71 12.36 -24.52
C ASN A 366 -2.04 13.72 -24.20
N GLY A 367 -1.62 13.91 -22.95
CA GLY A 367 -0.99 15.13 -22.51
C GLY A 367 -1.98 16.08 -21.92
N GLN A 368 -2.87 15.56 -21.07
CA GLN A 368 -3.91 16.36 -20.44
C GLN A 368 -4.18 15.84 -19.05
N ALA A 369 -4.05 16.75 -18.07
CA ALA A 369 -4.11 16.38 -16.67
C ALA A 369 -5.30 15.49 -16.33
N VAL A 370 -5.06 14.47 -15.52
CA VAL A 370 -6.13 13.74 -14.87
C VAL A 370 -6.92 14.76 -14.04
N PRO A 371 -8.26 14.83 -14.25
CA PRO A 371 -9.12 15.67 -13.39
C PRO A 371 -8.94 15.41 -11.89
N LYS A 372 -8.98 16.46 -11.08
CA LYS A 372 -8.76 16.36 -9.63
C LYS A 372 -9.50 15.17 -8.99
N GLU A 373 -10.78 15.03 -9.30
CA GLU A 373 -11.62 13.95 -8.76
C GLU A 373 -11.02 12.57 -8.97
N LYS A 374 -10.69 12.28 -10.23
CA LYS A 374 -10.04 11.01 -10.63
C LYS A 374 -8.80 10.70 -9.82
N ASP A 375 -7.88 11.67 -9.83
CA ASP A 375 -6.62 11.59 -9.10
C ASP A 375 -6.88 10.94 -7.75
N GLU A 376 -7.75 11.57 -6.97
CA GLU A 376 -7.99 11.14 -5.61
C GLU A 376 -8.59 9.76 -5.47
N MET A 377 -9.43 9.30 -6.41
CA MET A 377 -9.94 7.92 -6.29
C MET A 377 -8.76 6.98 -6.36
N VAL A 378 -7.97 7.14 -7.43
CA VAL A 378 -6.92 6.18 -7.75
C VAL A 378 -5.90 6.23 -6.64
N LYS A 379 -5.42 7.44 -6.35
CA LYS A 379 -4.53 7.70 -5.20
C LYS A 379 -5.06 6.98 -3.96
N GLN A 380 -6.26 7.32 -3.49
CA GLN A 380 -6.76 6.70 -2.27
C GLN A 380 -6.83 5.19 -2.43
N GLU A 381 -7.29 4.71 -3.60
CA GLU A 381 -7.41 3.26 -3.84
C GLU A 381 -6.03 2.59 -3.73
N PHE A 382 -5.04 3.22 -4.35
CA PHE A 382 -3.63 2.80 -4.22
C PHE A 382 -3.24 2.55 -2.77
N ASN A 383 -3.37 3.57 -1.93
CA ASN A 383 -3.00 3.49 -0.51
C ASN A 383 -3.86 2.48 0.26
N ARG A 384 -5.11 2.34 -0.18
CA ARG A 384 -6.02 1.34 0.33
C ARG A 384 -5.53 -0.07 -0.05
N LEU A 385 -5.04 -0.22 -1.28
CA LEU A 385 -4.45 -1.48 -1.74
C LEU A 385 -3.17 -1.88 -1.01
N LEU A 386 -2.33 -0.91 -0.67
CA LEU A 386 -1.16 -1.20 0.13
C LEU A 386 -1.57 -1.72 1.47
N GLU A 387 -2.32 -0.93 2.26
CA GLU A 387 -2.84 -1.40 3.56
C GLU A 387 -3.36 -2.82 3.44
N ALA A 388 -4.08 -3.09 2.33
CA ALA A 388 -4.60 -4.42 2.06
C ALA A 388 -3.51 -5.50 2.06
N THR A 389 -2.38 -5.22 1.40
CA THR A 389 -1.26 -6.18 1.37
C THR A 389 -0.71 -6.45 2.78
N SER A 390 -0.65 -5.41 3.59
CA SER A 390 -0.20 -5.53 4.98
C SER A 390 -1.17 -6.41 5.78
N TYR A 391 -2.46 -6.22 5.55
CA TYR A 391 -3.45 -7.09 6.12
C TYR A 391 -3.15 -8.55 5.72
N LEU A 392 -2.91 -8.80 4.43
CA LEU A 392 -2.57 -10.17 3.96
C LEU A 392 -1.38 -10.74 4.67
N SER A 393 -0.35 -9.92 4.81
CA SER A 393 0.91 -10.35 5.38
C SER A 393 0.73 -10.69 6.85
N HIS A 394 0.28 -9.73 7.64
CA HIS A 394 0.29 -9.89 9.10
C HIS A 394 -0.92 -10.67 9.65
N GLN A 395 -2.11 -10.39 9.12
CA GLN A 395 -3.37 -10.96 9.65
C GLN A 395 -3.72 -12.29 9.04
N LEU A 396 -3.56 -12.43 7.73
CA LEU A 396 -3.77 -13.71 7.07
C LEU A 396 -2.50 -14.58 6.90
N ASP A 397 -1.33 -14.10 7.33
CA ASP A 397 -0.05 -14.82 7.18
C ASP A 397 0.16 -15.44 5.77
N PHE A 398 -0.14 -14.64 4.75
CA PHE A 398 0.01 -15.02 3.35
C PHE A 398 1.41 -14.61 2.90
N ASN A 399 2.43 -15.32 3.38
CA ASN A 399 3.82 -14.98 3.10
C ASN A 399 4.65 -16.05 2.41
N VAL A 400 4.06 -17.23 2.15
CA VAL A 400 4.69 -18.25 1.32
C VAL A 400 3.67 -18.72 0.29
N LEU A 401 4.15 -19.09 -0.89
CA LEU A 401 3.28 -19.62 -1.91
C LEU A 401 4.07 -20.50 -2.85
N ASN A 402 3.81 -21.80 -2.79
CA ASN A 402 4.51 -22.82 -3.60
C ASN A 402 5.96 -23.01 -3.15
N ASN A 403 6.26 -22.67 -1.88
CA ASN A 403 7.63 -22.71 -1.30
C ASN A 403 8.51 -21.49 -1.62
N LYS A 404 7.96 -20.51 -2.34
CA LYS A 404 8.68 -19.29 -2.73
C LYS A 404 8.11 -18.21 -1.81
N PRO A 405 8.94 -17.25 -1.41
CA PRO A 405 8.36 -16.15 -0.65
C PRO A 405 7.49 -15.24 -1.51
N VAL A 406 6.48 -14.66 -0.91
CA VAL A 406 5.53 -13.85 -1.64
C VAL A 406 6.15 -12.48 -1.80
N SER A 407 6.03 -11.90 -2.98
CA SER A 407 6.46 -10.53 -3.21
C SER A 407 5.29 -9.58 -3.06
N LEU A 408 5.59 -8.30 -2.86
CA LEU A 408 4.58 -7.26 -2.79
C LEU A 408 3.76 -7.21 -4.06
N GLY A 409 4.44 -7.27 -5.20
CA GLY A 409 3.79 -7.37 -6.51
C GLY A 409 2.68 -8.42 -6.57
N GLN A 410 3.02 -9.67 -6.28
CA GLN A 410 2.03 -10.75 -6.21
C GLN A 410 0.85 -10.37 -5.33
N ALA A 411 1.16 -9.95 -4.11
CA ALA A 411 0.15 -9.65 -3.11
C ALA A 411 -0.78 -8.53 -3.55
N LEU A 412 -0.31 -7.60 -4.38
CA LEU A 412 -1.20 -6.61 -4.98
C LEU A 412 -2.14 -7.22 -6.03
N GLU A 413 -1.60 -8.01 -6.96
CA GLU A 413 -2.43 -8.72 -7.94
C GLU A 413 -3.54 -9.47 -7.21
N VAL A 414 -3.15 -10.24 -6.19
CA VAL A 414 -4.12 -11.02 -5.42
C VAL A 414 -5.19 -10.12 -4.83
N VAL A 415 -4.80 -9.05 -4.17
CA VAL A 415 -5.77 -8.11 -3.63
C VAL A 415 -6.65 -7.53 -4.75
N ILE A 416 -6.04 -7.08 -5.85
CA ILE A 416 -6.81 -6.53 -6.97
C ILE A 416 -7.83 -7.54 -7.54
N GLN A 417 -7.39 -8.77 -7.79
CA GLN A 417 -8.28 -9.82 -8.27
C GLN A 417 -9.44 -10.03 -7.32
N LEU A 418 -9.16 -10.12 -6.03
CA LEU A 418 -10.20 -10.25 -5.00
C LEU A 418 -11.18 -9.10 -4.97
N GLN A 419 -10.74 -7.90 -5.38
CA GLN A 419 -11.65 -6.77 -5.58
C GLN A 419 -12.48 -6.90 -6.84
N GLU A 420 -11.85 -7.32 -7.94
CA GLU A 420 -12.59 -7.61 -9.18
C GLU A 420 -13.62 -8.73 -9.00
N LYS A 421 -13.22 -9.77 -8.27
CA LYS A 421 -14.12 -10.85 -7.89
C LYS A 421 -15.30 -10.33 -7.08
N HIS A 422 -15.02 -9.59 -6.02
CA HIS A 422 -16.10 -9.02 -5.21
C HIS A 422 -17.06 -8.13 -6.03
N VAL A 423 -16.55 -7.30 -6.94
CA VAL A 423 -17.43 -6.52 -7.83
C VAL A 423 -18.49 -7.37 -8.55
N LYS A 424 -18.04 -8.50 -9.07
CA LYS A 424 -18.90 -9.45 -9.78
C LYS A 424 -19.84 -10.16 -8.82
N ASP A 425 -19.28 -10.81 -7.79
CA ASP A 425 -20.08 -11.42 -6.71
C ASP A 425 -21.33 -10.59 -6.34
N GLU A 426 -21.18 -9.26 -6.28
CA GLU A 426 -22.29 -8.37 -5.93
C GLU A 426 -23.29 -8.16 -7.06
N GLN A 427 -22.78 -7.86 -8.25
CA GLN A 427 -23.64 -7.82 -9.45
C GLN A 427 -24.49 -9.08 -9.55
N ILE A 428 -23.85 -10.24 -9.41
CA ILE A 428 -24.54 -11.51 -9.42
C ILE A 428 -25.70 -11.51 -8.43
N GLU A 429 -25.45 -11.23 -7.15
CA GLU A 429 -26.54 -11.29 -6.14
C GLU A 429 -27.59 -10.15 -6.27
N HIS A 430 -27.25 -9.06 -6.96
CA HIS A 430 -28.24 -8.00 -7.29
C HIS A 430 -29.20 -8.41 -8.38
N TRP A 431 -28.68 -8.93 -9.50
CA TRP A 431 -29.52 -9.54 -10.54
C TRP A 431 -30.25 -10.80 -10.03
N LYS A 432 -29.56 -11.67 -9.30
CA LYS A 432 -30.20 -12.84 -8.65
C LYS A 432 -31.30 -12.44 -7.65
N LYS A 433 -31.29 -11.21 -7.15
CA LYS A 433 -32.44 -10.66 -6.41
C LYS A 433 -33.56 -10.21 -7.33
N ILE A 434 -33.23 -9.56 -8.43
CA ILE A 434 -34.25 -9.17 -9.39
C ILE A 434 -35.07 -10.40 -9.81
N VAL A 435 -34.40 -11.47 -10.26
CA VAL A 435 -35.13 -12.65 -10.74
C VAL A 435 -36.06 -13.26 -9.69
N LYS A 436 -35.65 -13.33 -8.44
CA LYS A 436 -36.51 -13.90 -7.39
C LYS A 436 -37.80 -13.06 -7.22
N THR A 437 -37.70 -11.74 -7.39
CA THR A 437 -38.88 -10.85 -7.40
C THR A 437 -39.67 -11.05 -8.70
N GLN A 438 -38.99 -10.94 -9.83
CA GLN A 438 -39.61 -11.22 -11.14
C GLN A 438 -40.38 -12.53 -11.18
N GLU A 439 -39.88 -13.56 -10.53
CA GLU A 439 -40.52 -14.87 -10.49
C GLU A 439 -41.65 -15.00 -9.46
N GLU A 440 -41.68 -14.14 -8.44
CA GLU A 440 -42.88 -13.96 -7.60
C GLU A 440 -43.98 -13.33 -8.42
N LEU A 441 -43.64 -12.28 -9.17
CA LEU A 441 -44.57 -11.59 -10.07
C LEU A 441 -45.15 -12.51 -11.14
N LYS A 442 -44.34 -13.44 -11.67
CA LYS A 442 -44.80 -14.43 -12.65
C LYS A 442 -45.90 -15.30 -12.09
N GLU A 443 -45.71 -15.83 -10.89
CA GLU A 443 -46.74 -16.60 -10.21
C GLU A 443 -47.96 -15.76 -9.84
N LEU A 444 -47.76 -14.49 -9.50
CA LEU A 444 -48.90 -13.62 -9.22
C LEU A 444 -49.71 -13.32 -10.48
N LEU A 445 -49.04 -13.00 -11.59
CA LEU A 445 -49.75 -12.77 -12.86
C LEU A 445 -50.57 -13.98 -13.34
N ASN A 446 -50.02 -15.19 -13.21
CA ASN A 446 -50.76 -16.43 -13.50
C ASN A 446 -52.02 -16.56 -12.66
N LYS A 447 -51.86 -16.40 -11.35
CA LYS A 447 -53.00 -16.46 -10.41
C LYS A 447 -54.06 -15.44 -10.81
N MET A 448 -53.62 -14.24 -11.20
CA MET A 448 -54.53 -13.17 -11.64
C MET A 448 -55.21 -13.42 -12.97
N VAL A 449 -54.49 -14.02 -13.93
CA VAL A 449 -55.09 -14.39 -15.24
C VAL A 449 -56.16 -15.49 -15.10
N ASN A 450 -55.94 -16.43 -14.18
CA ASN A 450 -56.91 -17.50 -13.89
C ASN A 450 -58.11 -17.04 -13.07
N LEU A 451 -57.95 -15.97 -12.28
CA LEU A 451 -59.07 -15.37 -11.56
C LEU A 451 -59.93 -14.52 -12.50
N LYS A 452 -59.28 -13.78 -13.40
CA LYS A 452 -59.99 -13.06 -14.47
C LYS A 452 -60.78 -14.03 -15.36
N GLU A 453 -60.31 -15.25 -15.51
CA GLU A 453 -61.04 -16.25 -16.27
C GLU A 453 -62.30 -16.68 -15.52
N LYS A 454 -62.17 -17.15 -14.28
CA LYS A 454 -63.34 -17.55 -13.48
C LYS A 454 -64.34 -16.42 -13.32
N ILE A 455 -63.86 -15.19 -13.11
CA ILE A 455 -64.72 -14.01 -13.02
C ILE A 455 -65.53 -13.82 -14.29
N LYS A 456 -64.86 -13.78 -15.44
CA LYS A 456 -65.52 -13.68 -16.75
C LYS A 456 -66.69 -14.69 -16.92
N GLU A 457 -66.40 -15.97 -16.73
CA GLU A 457 -67.39 -17.04 -16.75
C GLU A 457 -68.49 -16.87 -15.70
N LEU A 458 -68.12 -16.49 -14.48
CA LEU A 458 -69.07 -16.39 -13.36
C LEU A 458 -70.00 -15.19 -13.49
N HIS A 459 -69.52 -14.12 -14.11
CA HIS A 459 -70.36 -12.95 -14.44
C HIS A 459 -71.40 -13.32 -15.46
N GLN A 460 -70.99 -14.04 -16.50
CA GLN A 460 -71.92 -14.57 -17.50
C GLN A 460 -73.05 -15.36 -16.83
N GLN A 461 -72.69 -16.20 -15.88
CA GLN A 461 -73.68 -17.00 -15.14
C GLN A 461 -74.67 -16.14 -14.38
N TYR A 462 -74.18 -15.15 -13.65
CA TYR A 462 -75.04 -14.21 -12.90
C TYR A 462 -75.87 -13.35 -13.84
N LYS A 463 -75.31 -13.01 -14.99
CA LYS A 463 -76.09 -12.37 -16.03
C LYS A 463 -77.29 -13.31 -16.38
N GLU A 464 -76.99 -14.50 -16.88
CA GLU A 464 -78.01 -15.51 -17.21
C GLU A 464 -79.05 -15.75 -16.12
N ALA A 465 -78.64 -15.72 -14.87
CA ALA A 465 -79.56 -15.91 -13.75
C ALA A 465 -80.52 -14.75 -13.58
N SER A 466 -80.05 -13.52 -13.88
CA SER A 466 -80.91 -12.32 -13.87
C SER A 466 -81.70 -12.09 -15.16
N GLU A 467 -81.36 -12.81 -16.23
CA GLU A 467 -82.18 -12.82 -17.44
C GLU A 467 -83.54 -13.49 -17.13
N VAL A 468 -83.56 -14.50 -16.25
CA VAL A 468 -84.81 -15.13 -15.79
C VAL A 468 -85.70 -14.07 -15.17
N LYS A 469 -86.74 -13.65 -15.90
CA LYS A 469 -87.65 -12.60 -15.43
C LYS A 469 -88.56 -13.10 -14.29
N PRO A 470 -88.82 -12.24 -13.29
CA PRO A 470 -89.72 -12.66 -12.21
C PRO A 470 -91.17 -12.65 -12.70
N PRO A 471 -92.11 -13.20 -11.93
CA PRO A 471 -91.86 -13.76 -10.62
C PRO A 471 -91.16 -15.09 -10.76
N ARG A 472 -90.31 -15.41 -9.80
CA ARG A 472 -89.53 -16.65 -9.81
C ARG A 472 -89.56 -17.27 -8.45
N ASP A 473 -89.40 -18.59 -8.37
CA ASP A 473 -89.49 -19.28 -7.09
C ASP A 473 -88.24 -18.93 -6.35
N ILE A 474 -88.13 -19.44 -5.13
CA ILE A 474 -87.03 -19.05 -4.25
C ILE A 474 -85.67 -19.64 -4.63
N THR A 475 -85.63 -20.80 -5.29
CA THR A 475 -84.34 -21.38 -5.72
C THR A 475 -83.66 -20.56 -6.83
N ALA A 476 -84.46 -20.09 -7.79
CA ALA A 476 -83.97 -19.21 -8.86
C ALA A 476 -83.68 -17.79 -8.38
N GLU A 477 -84.31 -17.39 -7.26
CA GLU A 477 -83.97 -16.15 -6.56
C GLU A 477 -82.64 -16.32 -5.86
N PHE A 478 -82.49 -17.47 -5.19
CA PHE A 478 -81.26 -17.85 -4.49
C PHE A 478 -80.06 -17.89 -5.42
N LEU A 479 -80.27 -18.35 -6.65
CA LEU A 479 -79.18 -18.45 -7.60
C LEU A 479 -78.59 -17.09 -7.93
N VAL A 480 -79.43 -16.09 -8.15
CA VAL A 480 -78.94 -14.74 -8.41
C VAL A 480 -78.14 -14.23 -7.21
N LYS A 481 -78.73 -14.32 -6.03
CA LYS A 481 -78.08 -13.88 -4.80
C LYS A 481 -76.74 -14.62 -4.60
N SER A 482 -76.80 -15.94 -4.70
CA SER A 482 -75.63 -16.79 -4.63
C SER A 482 -74.55 -16.28 -5.59
N LYS A 483 -74.82 -16.32 -6.89
CA LYS A 483 -73.82 -15.91 -7.87
C LYS A 483 -73.37 -14.46 -7.65
N HIS A 484 -74.25 -13.59 -7.13
CA HIS A 484 -73.88 -12.19 -6.82
C HIS A 484 -72.84 -12.10 -5.71
N ARG A 485 -73.06 -12.86 -4.65
CA ARG A 485 -72.08 -13.01 -3.59
C ARG A 485 -70.76 -13.60 -4.10
N ASP A 486 -70.87 -14.75 -4.77
CA ASP A 486 -69.72 -15.46 -5.33
C ASP A 486 -68.89 -14.60 -6.26
N LEU A 487 -69.49 -13.62 -6.92
CA LEU A 487 -68.75 -12.75 -7.85
C LEU A 487 -68.03 -11.61 -7.14
N THR A 488 -68.70 -10.95 -6.19
CA THR A 488 -68.05 -9.88 -5.40
C THR A 488 -66.95 -10.49 -4.52
N ALA A 489 -67.14 -11.73 -4.08
CA ALA A 489 -66.09 -12.53 -3.43
C ALA A 489 -64.82 -12.67 -4.28
N LEU A 490 -64.97 -13.08 -5.53
CA LEU A 490 -63.83 -13.17 -6.46
C LEU A 490 -63.31 -11.82 -6.92
N CYS A 491 -64.15 -10.80 -6.96
CA CYS A 491 -63.66 -9.46 -7.26
C CYS A 491 -62.89 -8.85 -6.06
N LYS A 492 -63.15 -9.32 -4.83
CA LYS A 492 -62.33 -8.95 -3.66
C LYS A 492 -60.90 -9.43 -3.84
N GLU A 493 -60.75 -10.74 -4.03
CA GLU A 493 -59.44 -11.36 -4.26
C GLU A 493 -58.62 -10.62 -5.30
N TYR A 494 -59.15 -10.53 -6.53
CA TYR A 494 -58.46 -9.87 -7.65
C TYR A 494 -58.04 -8.44 -7.36
N ASP A 495 -58.85 -7.69 -6.62
CA ASP A 495 -58.46 -6.33 -6.19
C ASP A 495 -57.28 -6.36 -5.19
N GLU A 496 -57.30 -7.34 -4.27
CA GLU A 496 -56.20 -7.62 -3.32
C GLU A 496 -54.95 -8.26 -3.93
N LEU A 497 -55.05 -8.79 -5.15
CA LEU A 497 -53.88 -9.24 -5.93
C LEU A 497 -53.31 -8.16 -6.81
N ALA A 498 -54.13 -7.21 -7.26
CA ALA A 498 -53.64 -6.03 -7.97
C ALA A 498 -53.04 -5.01 -7.00
N GLU A 499 -53.39 -5.15 -5.72
CA GLU A 499 -52.68 -4.49 -4.62
C GLU A 499 -51.24 -5.00 -4.56
N THR A 500 -51.10 -6.32 -4.35
CA THR A 500 -49.80 -6.99 -4.30
C THR A 500 -48.95 -6.74 -5.55
N GLN A 501 -49.56 -6.85 -6.73
CA GLN A 501 -48.87 -6.62 -8.01
C GLN A 501 -48.16 -5.27 -8.09
N GLY A 502 -48.83 -4.22 -7.62
CA GLY A 502 -48.29 -2.86 -7.67
C GLY A 502 -47.06 -2.65 -6.79
N LYS A 503 -47.03 -3.33 -5.63
CA LYS A 503 -45.88 -3.30 -4.70
C LYS A 503 -44.63 -3.96 -5.27
N LEU A 504 -44.83 -5.18 -5.78
CA LEU A 504 -43.74 -5.94 -6.42
C LEU A 504 -43.28 -5.30 -7.73
N GLU A 505 -44.17 -4.57 -8.40
CA GLU A 505 -43.82 -3.94 -9.70
C GLU A 505 -42.90 -2.73 -9.56
N GLU A 506 -43.05 -1.98 -8.46
CA GLU A 506 -42.18 -0.83 -8.14
C GLU A 506 -40.89 -1.30 -7.46
N LYS A 507 -41.01 -2.28 -6.55
CA LYS A 507 -39.85 -2.93 -5.94
C LYS A 507 -38.83 -3.45 -6.98
N LEU A 508 -39.24 -3.61 -8.24
CA LEU A 508 -38.32 -3.84 -9.37
C LEU A 508 -37.64 -2.57 -9.93
N GLN A 509 -38.39 -1.48 -10.04
CA GLN A 509 -37.80 -0.16 -10.37
C GLN A 509 -36.87 0.34 -9.25
N GLU A 510 -37.15 -0.07 -8.02
CA GLU A 510 -36.20 0.07 -6.90
C GLU A 510 -34.87 -0.63 -7.24
N LEU A 511 -34.92 -1.95 -7.38
CA LEU A 511 -33.71 -2.77 -7.55
C LEU A 511 -32.99 -2.45 -8.84
N GLU A 512 -33.73 -2.26 -9.93
CA GLU A 512 -33.11 -1.94 -11.23
C GLU A 512 -32.64 -0.48 -11.38
N ALA A 513 -32.85 0.34 -10.35
CA ALA A 513 -32.27 1.70 -10.26
C ALA A 513 -31.01 1.82 -9.37
N ASN A 514 -30.71 0.80 -8.55
CA ASN A 514 -29.54 0.79 -7.65
C ASN A 514 -28.47 -0.24 -8.03
N PRO A 515 -28.02 -0.26 -9.32
CA PRO A 515 -27.10 -1.32 -9.72
C PRO A 515 -25.74 -1.17 -9.02
N PRO A 516 -25.18 -2.26 -8.45
CA PRO A 516 -23.83 -2.12 -7.91
C PRO A 516 -22.81 -1.82 -9.01
N SER A 517 -21.62 -1.41 -8.61
CA SER A 517 -20.59 -0.93 -9.53
C SER A 517 -20.46 -1.83 -10.74
N ASP A 518 -20.48 -1.19 -11.91
CA ASP A 518 -20.23 -1.83 -13.20
C ASP A 518 -18.86 -2.55 -13.28
N VAL A 519 -17.81 -1.89 -12.78
CA VAL A 519 -16.40 -2.36 -12.84
C VAL A 519 -15.63 -2.03 -11.55
N TYR A 520 -14.55 -2.78 -11.27
CA TYR A 520 -13.66 -2.43 -10.14
C TYR A 520 -12.82 -1.20 -10.48
N LEU A 521 -12.08 -1.31 -11.58
CA LEU A 521 -11.32 -0.20 -12.11
C LEU A 521 -11.33 -0.29 -13.62
N SER A 522 -11.67 0.84 -14.25
CA SER A 522 -11.66 0.95 -15.70
C SER A 522 -10.24 0.92 -16.22
N SER A 523 -10.10 0.67 -17.51
CA SER A 523 -8.77 0.57 -18.14
C SER A 523 -7.98 1.91 -18.13
N ARG A 524 -8.69 3.02 -18.07
CA ARG A 524 -8.09 4.35 -17.91
C ARG A 524 -7.50 4.52 -16.50
N ASP A 525 -8.27 4.17 -15.48
CA ASP A 525 -7.85 4.33 -14.06
C ASP A 525 -6.68 3.39 -13.76
N ARG A 526 -6.79 2.15 -14.25
CA ARG A 526 -5.77 1.10 -14.12
C ARG A 526 -4.38 1.57 -14.59
N GLN A 527 -4.33 2.42 -15.62
CA GLN A 527 -3.06 3.02 -16.06
C GLN A 527 -2.53 4.09 -15.13
N ILE A 528 -3.43 4.86 -14.50
CA ILE A 528 -3.06 5.87 -13.50
C ILE A 528 -2.55 5.16 -12.24
N LEU A 529 -3.27 4.14 -11.79
CA LEU A 529 -2.80 3.31 -10.69
C LEU A 529 -1.41 2.76 -10.99
N ASP A 530 -1.16 2.35 -12.24
CA ASP A 530 0.18 1.93 -12.67
C ASP A 530 1.24 3.00 -12.44
N TRP A 531 0.90 4.28 -12.60
CA TRP A 531 1.82 5.37 -12.26
C TRP A 531 2.10 5.39 -10.77
N HIS A 532 1.07 5.28 -9.95
CA HIS A 532 1.27 5.26 -8.48
C HIS A 532 2.17 4.10 -8.00
N PHE A 533 2.10 2.97 -8.70
CA PHE A 533 3.01 1.85 -8.53
C PHE A 533 4.43 2.12 -9.05
N ALA A 534 4.56 2.80 -10.19
CA ALA A 534 5.89 3.18 -10.70
C ALA A 534 6.61 4.12 -9.75
N ASN A 535 5.87 5.03 -9.12
CA ASN A 535 6.45 5.88 -8.09
C ASN A 535 7.03 5.02 -6.96
N LEU A 536 6.23 4.08 -6.45
CA LEU A 536 6.73 3.10 -5.47
C LEU A 536 7.94 2.31 -5.97
N GLU A 537 7.96 1.96 -7.25
CA GLU A 537 9.10 1.28 -7.82
C GLU A 537 10.31 2.19 -7.93
N PHE A 538 10.05 3.47 -8.13
CA PHE A 538 11.13 4.44 -8.10
C PHE A 538 11.70 4.53 -6.67
N ALA A 539 10.82 4.69 -5.68
CA ALA A 539 11.27 4.85 -4.31
C ALA A 539 12.09 3.65 -3.85
N ASN A 540 11.63 2.45 -4.13
CA ASN A 540 12.32 1.27 -3.65
C ASN A 540 13.39 0.80 -4.61
N ALA A 541 13.47 1.47 -5.76
CA ALA A 541 14.46 1.24 -6.84
C ALA A 541 14.42 -0.18 -7.40
N THR A 542 13.23 -0.74 -7.55
CA THR A 542 13.12 -2.11 -8.00
C THR A 542 11.68 -2.47 -8.36
N PRO A 543 11.48 -3.41 -9.29
CA PRO A 543 10.13 -3.89 -9.55
C PRO A 543 9.46 -4.49 -8.30
N LEU A 544 8.17 -4.20 -8.13
CA LEU A 544 7.45 -4.62 -6.92
C LEU A 544 7.41 -6.13 -6.77
N SER A 545 7.59 -6.84 -7.88
CA SER A 545 7.68 -8.30 -7.89
C SER A 545 8.85 -8.85 -7.14
N THR A 546 9.85 -8.00 -6.86
CA THR A 546 11.07 -8.38 -6.14
C THR A 546 11.05 -8.08 -4.63
N LEU A 547 10.35 -7.00 -4.24
CA LEU A 547 10.26 -6.61 -2.83
C LEU A 547 9.61 -7.68 -1.96
N SER A 548 10.18 -7.94 -0.81
CA SER A 548 9.58 -8.84 0.16
C SER A 548 8.25 -8.27 0.61
N LEU A 549 7.21 -9.10 0.62
CA LEU A 549 5.92 -8.66 1.14
C LEU A 549 6.01 -8.39 2.62
N LYS A 550 6.62 -9.30 3.38
CA LYS A 550 6.67 -9.12 4.83
C LYS A 550 7.61 -8.00 5.25
N HIS A 551 8.62 -7.68 4.47
CA HIS A 551 9.70 -6.80 4.96
C HIS A 551 10.04 -5.51 4.19
N TRP A 552 9.46 -5.29 3.01
CA TRP A 552 9.85 -4.15 2.19
C TRP A 552 9.83 -2.79 2.89
N ASP A 553 8.94 -2.62 3.87
CA ASP A 553 8.77 -1.34 4.58
C ASP A 553 9.30 -1.38 6.01
N GLN A 554 10.03 -2.44 6.38
CA GLN A 554 10.56 -2.60 7.76
C GLN A 554 11.21 -1.34 8.39
N ASP A 555 11.93 -0.57 7.58
CA ASP A 555 12.57 0.65 8.05
C ASP A 555 11.65 1.89 8.21
N ASP A 556 10.32 1.67 8.22
CA ASP A 556 9.35 2.78 8.13
C ASP A 556 9.21 3.54 9.45
N ASP A 557 9.57 2.87 10.54
CA ASP A 557 9.50 3.48 11.87
C ASP A 557 10.59 4.50 12.12
N PHE A 558 11.72 4.36 11.46
CA PHE A 558 12.90 5.17 11.73
C PHE A 558 12.98 6.35 10.78
N GLU A 559 11.99 6.42 9.89
CA GLU A 559 11.73 7.57 9.01
C GLU A 559 11.82 8.89 9.80
N PHE A 560 12.50 9.87 9.22
CA PHE A 560 12.68 11.16 9.91
C PHE A 560 11.42 12.01 9.84
N THR A 561 11.37 13.07 10.66
CA THR A 561 10.30 14.05 10.61
C THR A 561 10.69 15.25 9.75
N GLY A 562 9.67 15.97 9.30
CA GLY A 562 9.86 17.21 8.56
C GLY A 562 9.83 17.02 7.06
N SER A 563 9.70 18.15 6.37
CA SER A 563 9.63 18.20 4.92
C SER A 563 10.90 17.61 4.38
N HIS A 564 10.80 16.97 3.21
CA HIS A 564 11.96 16.50 2.47
C HIS A 564 12.54 17.70 1.71
N LEU A 565 13.83 17.67 1.40
CA LEU A 565 14.55 18.84 0.86
C LEU A 565 15.54 18.45 -0.22
N THR A 566 15.88 19.37 -1.11
CA THR A 566 16.95 19.14 -2.08
C THR A 566 18.21 19.94 -1.74
N VAL A 567 19.34 19.51 -2.29
CA VAL A 567 20.58 20.27 -2.22
C VAL A 567 20.62 21.05 -3.51
N ARG A 568 20.47 22.37 -3.39
CA ARG A 568 20.29 23.25 -4.55
C ARG A 568 21.64 23.54 -5.21
N ASN A 569 22.70 23.65 -4.40
CA ASN A 569 24.07 23.86 -4.93
C ASN A 569 24.77 22.55 -5.37
N GLY A 570 24.08 21.40 -5.32
CA GLY A 570 24.64 20.11 -5.74
C GLY A 570 25.23 19.30 -4.58
N TYR A 571 24.69 18.10 -4.33
CA TYR A 571 25.06 17.24 -3.17
C TYR A 571 26.58 16.98 -3.08
N SER A 572 27.27 16.86 -4.23
CA SER A 572 28.71 16.54 -4.24
C SER A 572 29.51 17.50 -3.37
N CYS A 573 29.01 18.70 -3.13
CA CYS A 573 29.59 19.57 -2.10
C CYS A 573 29.86 18.88 -0.74
N VAL A 574 29.07 17.86 -0.35
CA VAL A 574 29.28 17.14 0.93
C VAL A 574 30.48 16.17 0.97
N PRO A 575 30.50 15.13 0.11
CA PRO A 575 31.66 14.26 0.08
C PRO A 575 32.99 14.98 -0.23
N VAL A 576 32.96 15.95 -1.14
CA VAL A 576 34.12 16.80 -1.37
C VAL A 576 34.58 17.41 -0.04
N ALA A 577 33.65 18.05 0.67
CA ALA A 577 33.95 18.67 1.97
C ALA A 577 34.53 17.68 2.98
N LEU A 578 34.02 16.46 3.01
CA LEU A 578 34.56 15.41 3.91
C LEU A 578 35.97 14.96 3.55
N ALA A 579 36.24 14.87 2.26
CA ALA A 579 37.54 14.41 1.77
C ALA A 579 38.73 15.31 2.15
N GLU A 580 38.47 16.54 2.58
CA GLU A 580 39.54 17.47 2.92
C GLU A 580 40.33 17.00 4.14
N GLY A 581 41.63 16.79 3.92
CA GLY A 581 42.55 16.35 4.94
C GLY A 581 42.63 14.84 5.03
N LEU A 582 42.44 14.14 3.92
CA LEU A 582 42.45 12.66 3.92
C LEU A 582 43.30 12.12 2.78
N ASP A 583 44.03 11.04 3.05
CA ASP A 583 44.94 10.45 2.07
C ASP A 583 44.11 9.54 1.16
N ILE A 584 43.71 10.07 0.00
CA ILE A 584 42.82 9.34 -0.91
C ILE A 584 43.52 8.98 -2.24
N LYS A 585 43.59 7.70 -2.55
CA LYS A 585 44.23 7.24 -3.76
C LYS A 585 43.19 7.00 -4.86
N LEU A 586 42.89 8.05 -5.63
CA LEU A 586 41.92 7.96 -6.75
C LEU A 586 42.46 7.11 -7.89
N ASN A 587 41.59 6.68 -8.79
CA ASN A 587 42.00 5.83 -9.90
C ASN A 587 42.78 4.56 -9.48
N THR A 588 42.32 3.95 -8.39
CA THR A 588 42.96 2.80 -7.76
C THR A 588 41.93 1.69 -7.48
N ALA A 589 41.88 0.72 -8.38
CA ALA A 589 40.84 -0.31 -8.30
C ALA A 589 41.31 -1.50 -7.50
N VAL A 590 40.75 -1.69 -6.31
CA VAL A 590 41.10 -2.84 -5.50
C VAL A 590 40.74 -4.11 -6.26
N ARG A 591 41.73 -4.97 -6.43
CA ARG A 591 41.59 -6.23 -7.17
C ARG A 591 41.53 -7.45 -6.25
N GLN A 592 42.04 -7.34 -5.03
CA GLN A 592 42.10 -8.46 -4.13
C GLN A 592 42.35 -8.00 -2.69
N VAL A 593 41.69 -8.66 -1.74
CA VAL A 593 41.83 -8.37 -0.32
C VAL A 593 42.30 -9.64 0.37
N ARG A 594 43.50 -9.55 0.97
CA ARG A 594 44.10 -10.63 1.77
C ARG A 594 44.09 -10.19 3.22
N TYR A 595 43.60 -11.08 4.08
CA TYR A 595 43.52 -10.84 5.53
C TYR A 595 43.94 -12.14 6.25
N THR A 596 44.85 -11.99 7.22
CA THR A 596 45.40 -13.10 7.98
C THR A 596 45.55 -12.68 9.42
N ALA A 597 45.84 -13.68 10.25
CA ALA A 597 46.03 -13.48 11.68
C ALA A 597 46.91 -12.29 12.02
N SER A 598 48.01 -12.15 11.28
CA SER A 598 49.04 -11.11 11.49
C SER A 598 48.73 -9.74 10.86
N GLY A 599 47.85 -9.72 9.86
CA GLY A 599 47.46 -8.47 9.19
C GLY A 599 46.79 -8.67 7.84
N CYS A 600 46.60 -7.56 7.14
CA CYS A 600 46.01 -7.55 5.80
C CYS A 600 46.92 -6.88 4.78
N GLU A 601 46.95 -7.46 3.59
CA GLU A 601 47.47 -6.77 2.41
C GLU A 601 46.36 -6.64 1.35
N VAL A 602 46.28 -5.45 0.73
CA VAL A 602 45.29 -5.14 -0.29
C VAL A 602 46.01 -4.90 -1.62
N ILE A 603 45.66 -5.69 -2.62
CA ILE A 603 46.27 -5.58 -3.95
C ILE A 603 45.34 -4.78 -4.85
N ALA A 604 45.80 -3.60 -5.29
CA ALA A 604 45.05 -2.72 -6.21
C ALA A 604 45.79 -2.56 -7.54
N VAL A 605 45.15 -1.87 -8.48
CA VAL A 605 45.79 -1.45 -9.74
C VAL A 605 45.40 -0.03 -10.11
N ASN A 606 46.10 0.51 -11.10
CA ASN A 606 45.77 1.82 -11.65
C ASN A 606 44.75 1.60 -12.75
N THR A 607 43.62 2.29 -12.66
CA THR A 607 42.49 2.14 -13.61
C THR A 607 42.88 2.46 -15.04
N ARG A 608 43.81 3.41 -15.19
CA ARG A 608 44.23 3.91 -16.50
C ARG A 608 45.15 2.91 -17.23
N SER A 609 46.31 2.63 -16.66
CA SER A 609 47.17 1.50 -17.11
C SER A 609 47.00 0.34 -16.12
N THR A 610 46.23 -0.67 -16.53
CA THR A 610 45.72 -1.71 -15.62
C THR A 610 46.80 -2.65 -15.12
N SER A 611 47.94 -2.71 -15.81
CA SER A 611 49.09 -3.55 -15.42
C SER A 611 49.86 -3.03 -14.20
N GLN A 612 49.94 -1.71 -14.05
CA GLN A 612 50.64 -1.07 -12.93
C GLN A 612 50.05 -1.39 -11.55
N THR A 613 50.74 -2.24 -10.79
CA THR A 613 50.21 -2.87 -9.56
C THR A 613 50.65 -2.16 -8.27
N PHE A 614 49.77 -2.20 -7.26
CA PHE A 614 50.04 -1.66 -5.91
C PHE A 614 49.76 -2.69 -4.81
N ILE A 615 50.57 -2.68 -3.75
CA ILE A 615 50.35 -3.50 -2.55
C ILE A 615 50.29 -2.56 -1.33
N TYR A 616 49.34 -2.83 -0.45
CA TYR A 616 49.11 -2.03 0.75
C TYR A 616 49.03 -2.95 1.97
N LYS A 617 49.99 -2.80 2.89
CA LYS A 617 49.95 -3.51 4.16
C LYS A 617 49.14 -2.65 5.14
N CYS A 618 48.35 -3.32 5.97
CA CYS A 618 47.58 -2.66 7.03
C CYS A 618 47.12 -3.66 8.10
N ASP A 619 46.85 -3.11 9.29
CA ASP A 619 46.31 -3.88 10.43
C ASP A 619 44.84 -4.33 10.21
N ALA A 620 44.06 -3.52 9.48
CA ALA A 620 42.63 -3.75 9.26
C ALA A 620 42.12 -3.13 7.95
N VAL A 621 41.14 -3.81 7.32
CA VAL A 621 40.48 -3.34 6.09
C VAL A 621 39.02 -2.98 6.38
N LEU A 622 38.56 -1.86 5.84
CA LEU A 622 37.16 -1.48 5.92
C LEU A 622 36.60 -1.47 4.51
N CYS A 623 35.63 -2.34 4.26
CA CYS A 623 35.11 -2.53 2.91
C CYS A 623 33.79 -1.82 2.70
N THR A 624 33.82 -0.69 1.98
CA THR A 624 32.59 0.04 1.62
C THR A 624 32.10 -0.22 0.17
N LEU A 625 32.73 -1.21 -0.48
CA LEU A 625 32.29 -1.71 -1.78
C LEU A 625 30.79 -1.89 -1.76
N PRO A 626 30.07 -1.29 -2.73
CA PRO A 626 28.64 -1.42 -2.93
C PRO A 626 28.20 -2.84 -3.04
N LEU A 627 26.95 -3.13 -2.64
CA LEU A 627 26.42 -4.48 -2.70
C LEU A 627 26.43 -5.07 -4.11
N GLY A 628 26.15 -4.22 -5.11
CA GLY A 628 26.24 -4.65 -6.52
C GLY A 628 27.59 -5.17 -6.96
N VAL A 629 28.64 -4.55 -6.41
CA VAL A 629 30.02 -4.97 -6.63
C VAL A 629 30.29 -6.28 -5.90
N LEU A 630 29.90 -6.33 -4.63
CA LEU A 630 30.03 -7.55 -3.82
C LEU A 630 29.33 -8.71 -4.46
N LYS A 631 28.31 -8.41 -5.27
CA LYS A 631 27.53 -9.44 -5.94
C LYS A 631 28.17 -9.98 -7.21
N GLN A 632 28.96 -9.16 -7.91
CA GLN A 632 29.53 -9.51 -9.24
C GLN A 632 30.00 -10.96 -9.34
N GLN A 633 29.59 -11.64 -10.41
CA GLN A 633 30.09 -12.97 -10.74
C GLN A 633 30.41 -13.00 -12.25
N PRO A 634 31.65 -13.34 -12.61
CA PRO A 634 32.72 -13.64 -11.67
C PRO A 634 33.18 -12.36 -10.92
N PRO A 635 33.77 -12.53 -9.72
CA PRO A 635 33.96 -11.40 -8.81
C PRO A 635 34.92 -10.33 -9.31
N ALA A 636 34.60 -9.06 -9.09
CA ALA A 636 35.54 -7.94 -9.35
C ALA A 636 36.65 -7.81 -8.31
N VAL A 637 36.38 -8.31 -7.10
CA VAL A 637 37.33 -8.34 -6.01
C VAL A 637 37.37 -9.74 -5.45
N GLN A 638 38.58 -10.19 -5.16
CA GLN A 638 38.83 -11.51 -4.63
C GLN A 638 39.18 -11.33 -3.16
N PHE A 639 38.52 -12.12 -2.31
CA PHE A 639 38.89 -12.22 -0.92
C PHE A 639 39.71 -13.50 -0.66
N VAL A 640 40.79 -13.30 0.09
CA VAL A 640 41.72 -14.34 0.44
C VAL A 640 41.98 -14.28 1.96
N PRO A 641 41.41 -15.20 2.73
CA PRO A 641 40.61 -16.32 2.25
C PRO A 641 39.21 -15.87 1.78
N PRO A 642 38.45 -16.75 1.13
CA PRO A 642 37.13 -16.36 0.68
C PRO A 642 36.22 -15.95 1.83
N LEU A 643 35.30 -15.04 1.54
CA LEU A 643 34.30 -14.66 2.52
C LEU A 643 33.47 -15.88 2.88
N PRO A 644 33.19 -16.09 4.17
CA PRO A 644 32.50 -17.30 4.63
C PRO A 644 31.11 -17.47 4.07
N GLU A 645 30.64 -18.70 4.07
CA GLU A 645 29.31 -19.05 3.54
C GLU A 645 28.23 -18.06 3.98
N TRP A 646 28.22 -17.74 5.28
CA TRP A 646 27.14 -16.92 5.83
C TRP A 646 27.05 -15.51 5.27
N LYS A 647 28.19 -14.94 4.90
CA LYS A 647 28.30 -13.61 4.30
C LYS A 647 27.92 -13.61 2.82
N THR A 648 28.47 -14.56 2.08
CA THR A 648 28.16 -14.71 0.66
C THR A 648 26.70 -15.08 0.38
N SER A 649 26.04 -15.77 1.32
CA SER A 649 24.61 -16.07 1.20
C SER A 649 23.79 -14.81 1.34
N ALA A 650 24.12 -13.99 2.33
CA ALA A 650 23.43 -12.73 2.59
C ALA A 650 23.60 -11.75 1.46
N VAL A 651 24.70 -11.87 0.72
CA VAL A 651 24.89 -11.07 -0.48
C VAL A 651 23.95 -11.55 -1.61
N GLN A 652 23.89 -12.85 -1.88
CA GLN A 652 22.83 -13.37 -2.78
C GLN A 652 21.43 -12.86 -2.42
N ARG A 653 21.08 -13.03 -1.14
CA ARG A 653 19.71 -12.84 -0.67
C ARG A 653 19.25 -11.42 -0.87
N MET A 654 20.03 -10.45 -0.43
CA MET A 654 19.61 -9.04 -0.43
C MET A 654 19.44 -8.56 -1.82
N GLY A 655 18.64 -7.52 -1.95
CA GLY A 655 18.38 -6.93 -3.24
C GLY A 655 19.28 -5.75 -3.50
N PHE A 656 19.85 -5.67 -4.69
CA PHE A 656 20.40 -4.40 -5.14
C PHE A 656 19.55 -3.93 -6.31
N GLY A 657 18.97 -2.74 -6.12
CA GLY A 657 18.04 -2.14 -7.08
C GLY A 657 18.73 -1.28 -8.13
N ASN A 658 17.93 -0.48 -8.82
CA ASN A 658 18.36 0.40 -9.92
C ASN A 658 17.28 1.45 -10.20
N LEU A 659 17.71 2.63 -10.63
CA LEU A 659 16.83 3.67 -11.13
C LEU A 659 17.71 4.71 -11.77
N ASN A 660 17.34 5.22 -12.92
CA ASN A 660 18.18 6.20 -13.62
C ASN A 660 17.54 7.58 -13.73
N LYS A 661 18.38 8.61 -13.89
CA LYS A 661 17.91 9.98 -14.07
C LYS A 661 18.36 10.52 -15.43
N VAL A 662 17.51 11.35 -16.05
CA VAL A 662 17.85 12.10 -17.28
C VAL A 662 17.81 13.62 -17.03
N VAL A 663 18.97 14.27 -17.22
CA VAL A 663 19.10 15.69 -16.96
C VAL A 663 18.87 16.42 -18.27
N LEU A 664 17.87 17.32 -18.24
CA LEU A 664 17.50 18.17 -19.38
C LEU A 664 17.73 19.62 -19.00
N CYS A 665 18.68 20.25 -19.70
CA CYS A 665 19.05 21.64 -19.53
C CYS A 665 18.52 22.49 -20.67
N PHE A 666 17.82 23.56 -20.31
CA PHE A 666 17.20 24.42 -21.29
C PHE A 666 17.74 25.83 -21.18
N ASP A 667 17.36 26.65 -22.16
CA ASP A 667 17.60 28.11 -22.16
C ASP A 667 16.51 28.91 -21.42
N ARG A 668 15.34 28.30 -21.16
CA ARG A 668 14.23 29.00 -20.50
C ARG A 668 13.15 28.08 -19.93
N VAL A 669 12.58 28.54 -18.81
CA VAL A 669 11.50 27.85 -18.08
C VAL A 669 10.17 27.88 -18.87
N PHE A 670 9.75 26.72 -19.38
CA PHE A 670 8.43 26.54 -20.00
C PHE A 670 7.48 25.65 -19.18
N TRP A 671 7.74 25.46 -17.90
CA TRP A 671 6.88 24.63 -17.04
C TRP A 671 6.37 25.57 -15.98
N ASP A 672 5.35 25.12 -15.26
CA ASP A 672 4.83 25.90 -14.15
C ASP A 672 5.93 25.94 -13.07
N PRO A 673 6.49 27.14 -12.80
CA PRO A 673 7.61 27.24 -11.86
C PRO A 673 7.20 27.25 -10.40
N SER A 674 5.90 27.32 -10.09
CA SER A 674 5.43 27.07 -8.72
C SER A 674 5.23 25.58 -8.46
N VAL A 675 5.35 24.78 -9.51
CA VAL A 675 5.29 23.32 -9.47
C VAL A 675 6.70 22.71 -9.53
N ASN A 676 7.05 21.98 -8.46
CA ASN A 676 8.34 21.26 -8.33
C ASN A 676 8.38 20.04 -9.23
N LEU A 677 7.34 19.22 -9.13
CA LEU A 677 7.30 17.90 -9.75
C LEU A 677 5.95 17.61 -10.42
N PHE A 678 5.98 16.86 -11.52
CA PHE A 678 4.77 16.47 -12.22
C PHE A 678 4.96 15.17 -12.97
N GLY A 679 3.90 14.37 -13.04
CA GLY A 679 3.98 13.01 -13.57
C GLY A 679 3.59 12.92 -15.03
N HIS A 680 3.96 11.79 -15.65
CA HIS A 680 3.47 11.36 -16.97
C HIS A 680 3.02 9.92 -16.83
N VAL A 681 1.82 9.61 -17.33
CA VAL A 681 1.24 8.27 -17.17
C VAL A 681 1.52 7.48 -18.41
N GLY A 682 2.01 6.26 -18.24
CA GLY A 682 2.45 5.45 -19.36
C GLY A 682 1.27 4.79 -20.02
N SER A 683 1.51 4.27 -21.23
CA SER A 683 0.53 3.52 -21.99
C SER A 683 0.21 2.17 -21.37
N THR A 684 1.25 1.46 -20.93
CA THR A 684 1.10 0.08 -20.47
C THR A 684 1.42 -0.04 -18.99
N THR A 685 1.23 -1.24 -18.47
CA THR A 685 1.88 -1.67 -17.23
C THR A 685 3.37 -1.84 -17.53
N ALA A 686 3.67 -2.54 -18.62
CA ALA A 686 5.07 -2.85 -18.98
C ALA A 686 6.01 -1.65 -18.96
N SER A 687 5.50 -0.47 -19.27
CA SER A 687 6.35 0.72 -19.42
C SER A 687 5.87 1.82 -18.48
N ARG A 688 5.48 1.42 -17.27
CA ARG A 688 4.94 2.39 -16.30
C ARG A 688 6.01 3.24 -15.72
N GLY A 689 7.25 2.73 -15.70
CA GLY A 689 8.37 3.47 -15.15
C GLY A 689 9.11 4.36 -16.13
N GLU A 690 8.81 4.25 -17.41
CA GLU A 690 9.54 4.95 -18.46
C GLU A 690 9.20 6.44 -18.49
N LEU A 691 10.08 7.24 -17.90
CA LEU A 691 9.96 8.70 -17.91
C LEU A 691 8.68 9.16 -17.21
N PHE A 692 8.33 8.42 -16.18
CA PHE A 692 7.08 8.58 -15.48
C PHE A 692 7.00 9.85 -14.59
N LEU A 693 8.12 10.54 -14.38
CA LEU A 693 8.16 11.69 -13.44
C LEU A 693 9.23 12.74 -13.81
N PHE A 694 8.92 14.02 -13.61
CA PHE A 694 9.86 15.12 -13.86
C PHE A 694 9.98 16.07 -12.66
N TRP A 695 11.21 16.45 -12.26
CA TRP A 695 11.45 17.49 -11.24
C TRP A 695 12.00 18.79 -11.88
N ASN A 696 11.39 19.91 -11.48
CA ASN A 696 12.00 21.24 -11.52
C ASN A 696 12.31 21.57 -10.07
N LEU A 697 13.58 21.47 -9.68
CA LEU A 697 14.01 21.79 -8.30
C LEU A 697 15.12 22.82 -8.21
N TYR A 698 15.59 23.31 -9.35
CA TYR A 698 16.81 24.06 -9.40
C TYR A 698 16.56 25.51 -9.79
N LYS A 699 17.57 26.35 -9.54
CA LYS A 699 17.50 27.78 -9.84
C LYS A 699 17.38 27.93 -11.34
N ALA A 700 18.34 27.32 -12.05
CA ALA A 700 18.39 27.33 -13.50
C ALA A 700 17.18 26.61 -14.17
N PRO A 701 17.08 26.66 -15.50
CA PRO A 701 16.04 25.92 -16.22
C PRO A 701 16.43 24.48 -16.53
N ILE A 702 16.25 23.63 -15.51
CA ILE A 702 16.58 22.20 -15.59
C ILE A 702 15.38 21.34 -15.20
N LEU A 703 15.01 20.46 -16.13
CA LEU A 703 14.02 19.43 -15.90
C LEU A 703 14.69 18.08 -15.83
N LEU A 704 14.48 17.43 -14.69
CA LEU A 704 15.09 16.15 -14.36
C LEU A 704 14.00 15.12 -14.62
N ALA A 705 14.32 14.03 -15.31
CA ALA A 705 13.32 13.04 -15.76
C ALA A 705 13.65 11.61 -15.34
N LEU A 706 12.74 10.96 -14.62
CA LEU A 706 13.04 9.68 -13.93
C LEU A 706 12.64 8.40 -14.66
N VAL A 707 13.48 7.39 -14.56
CA VAL A 707 13.24 6.07 -15.16
C VAL A 707 13.29 5.01 -14.08
N ALA A 708 12.17 4.33 -13.81
CA ALA A 708 12.05 3.41 -12.66
C ALA A 708 11.57 2.03 -13.05
N GLY A 709 11.47 1.15 -12.06
CA GLY A 709 10.88 -0.18 -12.25
C GLY A 709 11.62 -1.05 -13.26
N GLU A 710 10.85 -1.87 -13.98
CA GLU A 710 11.42 -2.75 -15.00
C GLU A 710 12.06 -1.96 -16.13
N ALA A 711 11.48 -0.79 -16.43
CA ALA A 711 11.93 0.11 -17.50
C ALA A 711 13.39 0.54 -17.37
N ALA A 712 13.78 0.94 -16.16
CA ALA A 712 15.14 1.41 -15.87
C ALA A 712 16.21 0.52 -16.44
N GLY A 713 16.09 -0.77 -16.13
CA GLY A 713 17.01 -1.79 -16.61
C GLY A 713 17.13 -1.94 -18.11
N ILE A 714 16.04 -1.64 -18.83
CA ILE A 714 15.97 -1.75 -20.31
C ILE A 714 16.41 -0.47 -21.01
N MET A 715 16.11 0.67 -20.41
CA MET A 715 16.50 1.97 -20.94
C MET A 715 18.02 2.18 -20.95
N GLU A 716 18.73 1.40 -20.14
CA GLU A 716 20.18 1.39 -20.20
C GLU A 716 20.74 0.91 -21.54
N ASN A 717 19.99 0.12 -22.30
CA ASN A 717 20.39 -0.31 -23.66
C ASN A 717 19.89 0.55 -24.82
N ILE A 718 19.59 1.82 -24.55
CA ILE A 718 19.06 2.72 -25.55
C ILE A 718 19.90 4.00 -25.52
N SER A 719 20.29 4.49 -26.69
CA SER A 719 21.17 5.67 -26.82
C SER A 719 20.53 6.95 -26.26
N ASP A 720 21.37 7.88 -25.82
CA ASP A 720 20.90 9.08 -25.11
C ASP A 720 19.90 9.88 -25.95
N ASP A 721 20.18 9.95 -27.26
CA ASP A 721 19.36 10.70 -28.23
C ASP A 721 17.94 10.17 -28.24
N VAL A 722 17.80 8.87 -28.47
CA VAL A 722 16.51 8.17 -28.43
C VAL A 722 15.73 8.56 -27.15
N ILE A 723 16.40 8.42 -26.01
CA ILE A 723 15.83 8.68 -24.68
C ILE A 723 15.39 10.12 -24.55
N VAL A 724 16.26 11.04 -24.99
CA VAL A 724 15.92 12.47 -25.00
C VAL A 724 14.69 12.68 -25.92
N GLY A 725 14.65 11.98 -27.05
CA GLY A 725 13.50 11.95 -27.95
C GLY A 725 12.22 11.78 -27.17
N ARG A 726 12.14 10.66 -26.46
CA ARG A 726 10.93 10.28 -25.74
C ARG A 726 10.55 11.27 -24.63
N CYS A 727 11.56 11.95 -24.05
CA CYS A 727 11.35 13.03 -23.04
C CYS A 727 10.69 14.27 -23.61
N LEU A 728 11.15 14.68 -24.79
CA LEU A 728 10.63 15.84 -25.46
C LEU A 728 9.21 15.53 -25.91
N ALA A 729 9.06 14.46 -26.70
CA ALA A 729 7.76 13.95 -27.11
C ALA A 729 6.72 14.12 -26.00
N ILE A 730 7.01 13.57 -24.82
CA ILE A 730 6.13 13.69 -23.65
C ILE A 730 5.87 15.15 -23.30
N LEU A 731 6.94 15.91 -23.12
CA LEU A 731 6.84 17.32 -22.69
C LEU A 731 6.07 18.23 -23.68
N LYS A 732 6.16 17.90 -24.99
CA LYS A 732 5.35 18.53 -26.04
C LYS A 732 3.88 18.31 -25.75
N GLY A 733 3.52 17.03 -25.63
CA GLY A 733 2.18 16.63 -25.20
C GLY A 733 1.63 17.48 -24.07
N ILE A 734 2.39 17.63 -22.99
CA ILE A 734 1.88 18.35 -21.81
C ILE A 734 1.82 19.87 -22.04
N PHE A 735 2.90 20.45 -22.58
CA PHE A 735 3.07 21.93 -22.59
C PHE A 735 2.87 22.61 -23.96
N GLY A 736 2.70 21.81 -25.02
CA GLY A 736 2.52 22.33 -26.38
C GLY A 736 3.69 21.99 -27.28
N SER A 737 3.40 21.70 -28.54
CA SER A 737 4.39 21.19 -29.50
C SER A 737 5.42 22.26 -29.98
N SER A 738 5.25 23.51 -29.59
CA SER A 738 6.22 24.57 -29.86
C SER A 738 6.50 25.47 -28.64
N ALA A 739 6.21 24.97 -27.43
CA ALA A 739 6.62 25.61 -26.17
C ALA A 739 7.91 24.94 -25.60
N VAL A 740 8.37 23.87 -26.25
CA VAL A 740 9.47 23.02 -25.77
C VAL A 740 10.63 23.12 -26.75
N PRO A 741 11.69 23.87 -26.42
CA PRO A 741 12.82 24.03 -27.35
C PRO A 741 13.59 22.73 -27.53
N GLN A 742 14.74 22.78 -28.17
CA GLN A 742 15.70 21.71 -28.01
C GLN A 742 16.45 21.93 -26.68
N PRO A 743 16.94 20.84 -26.07
CA PRO A 743 17.72 20.98 -24.85
C PRO A 743 19.18 21.32 -25.19
N LYS A 744 19.72 22.31 -24.48
CA LYS A 744 21.09 22.75 -24.69
C LYS A 744 22.09 21.66 -24.32
N GLU A 745 21.92 21.11 -23.11
CA GLU A 745 22.77 20.05 -22.52
C GLU A 745 21.95 18.86 -21.94
N THR A 746 22.36 17.63 -22.29
CA THR A 746 21.69 16.40 -21.80
C THR A 746 22.66 15.36 -21.21
N VAL A 747 22.24 14.73 -20.09
CA VAL A 747 22.99 13.64 -19.42
C VAL A 747 22.05 12.51 -19.03
N VAL A 748 22.53 11.28 -19.16
CA VAL A 748 21.72 10.07 -18.88
C VAL A 748 22.49 9.09 -18.02
N SER A 749 21.95 8.72 -16.85
CA SER A 749 22.64 7.74 -16.00
C SER A 749 22.43 6.29 -16.49
N ARG A 750 23.37 5.44 -16.12
CA ARG A 750 23.27 3.97 -16.30
C ARG A 750 23.91 3.31 -15.10
N TRP A 751 23.25 3.45 -13.96
CA TRP A 751 23.82 3.00 -12.70
C TRP A 751 24.06 1.50 -12.64
N ARG A 752 23.21 0.71 -13.30
CA ARG A 752 23.41 -0.74 -13.31
C ARG A 752 24.63 -1.14 -14.18
N ALA A 753 24.88 -0.38 -15.23
CA ALA A 753 26.06 -0.60 -16.05
C ALA A 753 27.35 -0.12 -15.39
N ASP A 754 27.31 1.00 -14.68
CA ASP A 754 28.48 1.53 -13.98
C ASP A 754 29.14 0.47 -13.09
N PRO A 755 30.40 0.08 -13.38
CA PRO A 755 31.03 -1.02 -12.65
C PRO A 755 31.38 -0.76 -11.18
N TRP A 756 31.50 0.52 -10.78
CA TRP A 756 31.81 0.87 -9.36
C TRP A 756 30.54 1.08 -8.51
N ALA A 757 29.43 0.57 -9.04
CA ALA A 757 28.13 0.56 -8.37
C ALA A 757 27.37 -0.71 -8.71
N ARG A 758 27.19 -0.99 -10.00
CA ARG A 758 26.41 -2.13 -10.47
C ARG A 758 24.95 -2.03 -10.03
N GLY A 759 24.42 -0.81 -10.00
CA GLY A 759 23.05 -0.55 -9.54
C GLY A 759 22.96 0.66 -8.64
N SER A 760 21.74 1.01 -8.25
CA SER A 760 21.47 2.22 -7.49
C SER A 760 21.64 2.01 -5.98
N TYR A 761 20.73 1.28 -5.33
CA TYR A 761 20.84 1.00 -3.90
C TYR A 761 20.08 -0.22 -3.48
N SER A 762 20.21 -0.65 -2.23
CA SER A 762 19.62 -1.91 -1.79
C SER A 762 18.11 -1.89 -1.67
N TYR A 763 17.51 -3.08 -1.61
CA TYR A 763 16.15 -3.24 -1.19
C TYR A 763 15.99 -4.55 -0.45
N VAL A 764 14.86 -4.72 0.23
CA VAL A 764 14.61 -5.96 0.96
C VAL A 764 13.97 -6.89 -0.03
N ALA A 765 14.74 -7.80 -0.61
CA ALA A 765 14.18 -8.69 -1.65
C ALA A 765 13.34 -9.76 -1.01
N ALA A 766 12.44 -10.35 -1.78
CA ALA A 766 11.67 -11.46 -1.29
C ALA A 766 12.61 -12.58 -0.82
N GLY A 767 12.37 -13.09 0.39
CA GLY A 767 13.21 -14.11 0.99
C GLY A 767 14.45 -13.58 1.69
N SER A 768 14.64 -12.26 1.69
CA SER A 768 15.63 -11.57 2.55
C SER A 768 14.85 -11.09 3.77
N SER A 769 15.56 -10.46 4.70
CA SER A 769 14.91 -9.64 5.73
C SER A 769 15.86 -8.54 6.20
N GLY A 770 15.43 -7.80 7.22
CA GLY A 770 16.30 -6.81 7.84
C GLY A 770 17.56 -7.48 8.39
N ASN A 771 17.39 -8.67 8.92
CA ASN A 771 18.46 -9.41 9.55
C ASN A 771 19.68 -9.65 8.63
N ASP A 772 19.49 -9.65 7.32
CA ASP A 772 20.61 -9.75 6.39
C ASP A 772 21.50 -8.53 6.42
N TYR A 773 20.90 -7.36 6.62
CA TYR A 773 21.63 -6.10 6.72
C TYR A 773 22.62 -6.16 7.92
N ASP A 774 22.22 -6.84 8.99
CA ASP A 774 23.09 -7.03 10.15
C ASP A 774 24.21 -8.01 9.85
N LEU A 775 23.93 -9.06 9.08
CA LEU A 775 24.99 -9.92 8.60
C LEU A 775 26.01 -9.11 7.80
N MET A 776 25.55 -8.27 6.87
CA MET A 776 26.48 -7.47 6.08
C MET A 776 27.43 -6.63 6.91
N ALA A 777 27.00 -6.16 8.09
CA ALA A 777 27.88 -5.37 8.98
C ALA A 777 28.90 -6.21 9.81
N GLN A 778 28.56 -7.48 10.08
CA GLN A 778 29.37 -8.37 10.91
C GLN A 778 30.78 -8.51 10.33
N PRO A 779 31.82 -8.04 11.05
CA PRO A 779 33.17 -8.16 10.53
C PRO A 779 33.69 -9.61 10.57
N ILE A 780 34.76 -9.87 9.79
CA ILE A 780 35.34 -11.21 9.63
C ILE A 780 36.66 -11.36 10.41
N THR A 781 36.78 -12.46 11.13
CA THR A 781 38.00 -12.79 11.86
C THR A 781 38.70 -13.96 11.14
N PRO A 782 39.96 -13.76 10.70
CA PRO A 782 40.67 -14.86 10.04
C PRO A 782 41.00 -16.00 11.00
N GLY A 783 41.39 -17.15 10.43
CA GLY A 783 41.91 -18.28 11.22
C GLY A 783 43.29 -17.95 11.77
N PRO A 784 43.77 -18.77 12.72
CA PRO A 784 45.08 -18.50 13.32
C PRO A 784 46.19 -18.88 12.35
N SER A 785 47.33 -18.17 12.39
CA SER A 785 48.47 -18.46 11.51
C SER A 785 49.03 -19.84 11.83
N ILE A 786 49.54 -19.98 13.05
CA ILE A 786 50.08 -21.25 13.53
C ILE A 786 48.86 -21.98 14.10
N PRO A 787 48.67 -23.27 13.75
CA PRO A 787 47.50 -23.98 14.28
C PRO A 787 47.63 -24.22 15.80
N GLY A 788 46.49 -24.22 16.49
CA GLY A 788 46.46 -24.25 17.95
C GLY A 788 46.97 -22.98 18.65
N ALA A 789 47.15 -21.89 17.91
CA ALA A 789 47.51 -20.59 18.49
C ALA A 789 46.20 -19.85 18.81
N PRO A 790 46.25 -18.74 19.59
CA PRO A 790 45.00 -18.21 20.10
C PRO A 790 44.12 -17.56 19.03
N GLN A 791 42.86 -17.31 19.38
CA GLN A 791 41.87 -16.66 18.51
C GLN A 791 42.34 -15.29 18.06
N PRO A 792 42.42 -15.07 16.73
CA PRO A 792 42.87 -13.74 16.29
C PRO A 792 41.89 -12.61 16.58
N ILE A 793 42.27 -11.45 16.05
CA ILE A 793 41.51 -10.25 16.16
C ILE A 793 40.68 -10.25 14.87
N PRO A 794 39.53 -9.56 14.86
CA PRO A 794 38.85 -9.24 13.61
C PRO A 794 39.61 -8.23 12.75
N ARG A 795 39.80 -8.59 11.47
CA ARG A 795 40.64 -7.87 10.51
C ARG A 795 39.89 -7.12 9.42
N LEU A 796 38.78 -7.71 8.92
CA LEU A 796 38.05 -7.21 7.74
C LEU A 796 36.68 -6.76 8.16
N PHE A 797 36.41 -5.47 7.98
CA PHE A 797 35.19 -4.80 8.45
C PHE A 797 34.33 -4.32 7.27
N PHE A 798 33.04 -4.15 7.52
CA PHE A 798 32.12 -3.73 6.46
C PHE A 798 31.21 -2.59 6.83
N ALA A 799 31.21 -1.57 5.98
CA ALA A 799 30.26 -0.48 6.06
C ALA A 799 29.68 -0.21 4.69
N GLY A 800 28.74 0.72 4.66
CA GLY A 800 28.03 1.06 3.47
C GLY A 800 26.53 0.95 3.68
N GLU A 801 25.82 1.77 2.91
CA GLU A 801 24.37 1.75 2.75
C GLU A 801 23.68 0.39 2.93
N HIS A 802 24.31 -0.68 2.46
CA HIS A 802 23.78 -2.05 2.59
C HIS A 802 24.03 -2.72 3.97
N THR A 803 24.65 -2.02 4.91
CA THR A 803 25.04 -2.61 6.21
C THR A 803 24.20 -2.11 7.40
N ILE A 804 23.36 -1.11 7.16
CA ILE A 804 22.64 -0.47 8.24
C ILE A 804 21.14 -0.81 8.11
N ARG A 805 20.74 -1.74 8.97
CA ARG A 805 19.39 -2.30 9.00
C ARG A 805 18.28 -1.25 9.00
N ASN A 806 18.45 -0.19 9.79
CA ASN A 806 17.40 0.79 10.04
C ASN A 806 17.41 2.03 9.16
N TYR A 807 18.45 2.20 8.33
CA TYR A 807 18.54 3.36 7.43
C TYR A 807 19.15 2.96 6.10
N PRO A 808 18.73 1.81 5.53
CA PRO A 808 19.35 1.41 4.26
C PRO A 808 19.06 2.34 3.12
N ALA A 809 19.75 2.09 2.01
CA ALA A 809 19.66 2.89 0.81
C ALA A 809 19.50 4.39 1.00
N THR A 810 20.32 4.98 1.86
CA THR A 810 20.34 6.44 2.02
C THR A 810 21.77 6.94 2.16
N VAL A 811 21.94 8.25 2.14
CA VAL A 811 23.23 8.82 2.45
C VAL A 811 23.41 8.73 3.95
N HIS A 812 22.47 9.27 4.72
CA HIS A 812 22.55 9.23 6.18
C HIS A 812 22.83 7.82 6.71
N GLY A 813 22.27 6.83 6.04
CA GLY A 813 22.59 5.44 6.32
C GLY A 813 24.05 5.13 6.15
N ALA A 814 24.59 5.44 4.97
CA ALA A 814 26.01 5.22 4.70
C ALA A 814 26.82 5.95 5.75
N LEU A 815 26.64 7.27 5.82
CA LEU A 815 27.28 8.12 6.81
C LEU A 815 27.28 7.48 8.18
N LEU A 816 26.12 7.03 8.64
CA LEU A 816 26.03 6.39 9.96
C LEU A 816 26.78 5.06 10.06
N SER A 817 26.79 4.29 8.97
CA SER A 817 27.53 3.02 8.92
C SER A 817 29.02 3.25 9.06
N GLY A 818 29.52 4.27 8.36
CA GLY A 818 30.89 4.74 8.50
C GLY A 818 31.23 5.07 9.93
N LEU A 819 30.41 5.92 10.57
CA LEU A 819 30.66 6.29 11.95
C LEU A 819 30.75 5.07 12.84
N ARG A 820 29.85 4.13 12.61
CA ARG A 820 29.74 2.89 13.40
C ARG A 820 31.03 2.08 13.34
N GLU A 821 31.47 1.72 12.12
CA GLU A 821 32.67 0.88 11.96
C GLU A 821 33.92 1.55 12.49
N ALA A 822 34.02 2.87 12.34
CA ALA A 822 35.14 3.58 12.91
C ALA A 822 35.23 3.35 14.41
N GLY A 823 34.13 3.60 15.09
CA GLY A 823 34.05 3.32 16.53
C GLY A 823 34.45 1.90 16.90
N ARG A 824 34.04 0.92 16.09
CA ARG A 824 34.35 -0.49 16.33
C ARG A 824 35.83 -0.79 16.15
N ILE A 825 36.40 -0.32 15.04
CA ILE A 825 37.83 -0.47 14.72
C ILE A 825 38.70 0.20 15.79
N ALA A 826 38.31 1.40 16.19
CA ALA A 826 39.03 2.09 17.25
C ALA A 826 39.00 1.31 18.57
N ASP A 827 37.84 0.81 18.95
CA ASP A 827 37.74 -0.04 20.14
C ASP A 827 38.70 -1.23 20.04
N GLN A 828 38.88 -1.76 18.85
CA GLN A 828 39.75 -2.91 18.63
C GLN A 828 41.22 -2.58 18.79
N PHE A 829 41.70 -1.63 18.00
CA PHE A 829 43.13 -1.38 17.86
C PHE A 829 43.67 -0.26 18.76
N LEU A 830 42.79 0.55 19.35
CA LEU A 830 43.19 1.58 20.30
C LEU A 830 42.66 1.32 21.68
N GLY A 831 41.93 0.22 21.88
CA GLY A 831 41.31 -0.09 23.17
C GLY A 831 40.21 0.87 23.60
N ALA A 832 39.38 0.42 24.53
CA ALA A 832 38.25 1.22 25.03
C ALA A 832 38.41 1.51 26.52
N MET A 833 38.92 2.69 26.86
CA MET A 833 39.15 3.08 28.26
C MET A 833 37.83 3.43 28.99
N TYR A 834 36.78 3.69 28.21
CA TYR A 834 35.44 4.08 28.70
C TYR A 834 34.52 2.94 29.27
N THR A 835 34.93 1.68 29.13
CA THR A 835 34.16 0.55 29.69
C THR A 835 34.24 0.55 31.22
N LEU A 836 35.45 0.74 31.77
CA LEU A 836 35.64 1.25 33.16
C LEU A 836 37.12 1.59 33.43
N ARG B 308 -6.99 -7.54 12.96
CA ARG B 308 -8.44 -7.24 13.17
C ARG B 308 -9.23 -7.25 11.86
N LYS B 309 -9.14 -6.16 11.09
CA LYS B 309 -9.97 -5.97 9.90
C LYS B 309 -9.26 -5.17 8.81
N PRO B 310 -9.57 -5.48 7.52
CA PRO B 310 -8.96 -4.80 6.37
C PRO B 310 -9.49 -3.39 6.21
N PRO B 311 -8.94 -2.63 5.26
CA PRO B 311 -9.49 -1.31 4.95
C PRO B 311 -10.95 -1.42 4.62
N LYS B 312 -11.70 -0.35 4.85
CA LYS B 312 -13.16 -0.36 4.66
C LYS B 312 -13.42 -0.41 3.16
N GLY B 313 -14.28 -1.34 2.71
CA GLY B 313 -14.58 -1.52 1.28
C GLY B 313 -13.70 -2.52 0.52
N MET B 314 -12.52 -2.81 1.07
CA MET B 314 -11.65 -3.88 0.57
C MET B 314 -12.13 -5.23 1.14
N PHE B 315 -12.34 -6.21 0.27
CA PHE B 315 -12.76 -7.55 0.72
C PHE B 315 -11.70 -8.62 0.47
N LEU B 316 -11.40 -9.40 1.52
CA LEU B 316 -10.32 -10.39 1.50
C LEU B 316 -10.58 -11.45 2.55
N SER B 317 -11.37 -12.45 2.22
CA SER B 317 -11.57 -13.54 3.18
C SER B 317 -10.38 -14.48 3.06
N GLN B 318 -10.04 -15.15 4.16
CA GLN B 318 -9.06 -16.24 4.14
C GLN B 318 -9.36 -17.20 2.98
N GLU B 319 -10.58 -17.74 3.02
CA GLU B 319 -11.10 -18.66 2.02
C GLU B 319 -10.89 -18.23 0.55
N ASP B 320 -11.11 -16.93 0.28
CA ASP B 320 -11.02 -16.37 -1.08
C ASP B 320 -9.59 -16.31 -1.62
N VAL B 321 -8.66 -15.94 -0.73
CA VAL B 321 -7.23 -15.84 -1.09
C VAL B 321 -6.74 -17.19 -1.60
N GLU B 322 -7.00 -18.22 -0.80
CA GLU B 322 -6.64 -19.62 -1.09
C GLU B 322 -7.16 -20.04 -2.46
N ALA B 323 -8.38 -19.64 -2.75
CA ALA B 323 -9.09 -19.97 -3.98
C ALA B 323 -8.55 -19.28 -5.24
N VAL B 324 -7.99 -18.09 -5.08
CA VAL B 324 -7.40 -17.36 -6.23
C VAL B 324 -5.91 -17.69 -6.45
N SER B 325 -5.27 -18.28 -5.44
CA SER B 325 -3.85 -18.68 -5.51
C SER B 325 -3.60 -20.20 -5.73
N ALA B 326 -4.64 -21.03 -5.67
CA ALA B 326 -4.50 -22.50 -5.76
C ALA B 326 -3.85 -23.06 -7.03
N ASN B 327 -3.76 -22.27 -8.11
CA ASN B 327 -2.92 -22.63 -9.27
C ASN B 327 -2.49 -21.36 -10.05
N ALA B 328 -1.90 -21.56 -11.24
CA ALA B 328 -1.48 -20.46 -12.12
C ALA B 328 -2.64 -19.56 -12.59
N THR B 329 -3.68 -20.19 -13.12
CA THR B 329 -4.90 -19.49 -13.60
C THR B 329 -6.17 -19.85 -12.80
N ALA B 330 -6.03 -20.04 -11.48
CA ALA B 330 -7.19 -20.05 -10.57
C ALA B 330 -7.77 -18.65 -10.50
N ALA B 331 -6.93 -17.66 -10.75
CA ALA B 331 -7.36 -16.28 -10.88
C ALA B 331 -8.36 -16.16 -11.99
N THR B 332 -7.90 -16.43 -13.22
CA THR B 332 -8.69 -16.18 -14.42
C THR B 332 -9.85 -17.17 -14.57
N THR B 333 -9.71 -18.37 -14.01
CA THR B 333 -10.80 -19.34 -13.91
C THR B 333 -11.97 -18.76 -13.13
N VAL B 334 -11.77 -18.54 -11.83
CA VAL B 334 -12.85 -18.10 -10.93
C VAL B 334 -13.58 -16.85 -11.45
N LEU B 335 -12.82 -15.89 -11.98
CA LEU B 335 -13.42 -14.68 -12.57
C LEU B 335 -14.17 -14.90 -13.88
N ARG B 336 -13.79 -15.91 -14.67
CA ARG B 336 -14.56 -16.28 -15.87
C ARG B 336 -15.85 -17.05 -15.56
N GLN B 337 -15.84 -17.91 -14.54
CA GLN B 337 -17.08 -18.53 -14.00
C GLN B 337 -18.11 -17.47 -13.69
N LEU B 338 -17.66 -16.39 -13.07
CA LEU B 338 -18.56 -15.31 -12.70
C LEU B 338 -19.01 -14.48 -13.92
N ASP B 339 -18.13 -14.27 -14.90
CA ASP B 339 -18.53 -13.64 -16.18
C ASP B 339 -19.63 -14.40 -16.92
N MET B 340 -19.59 -15.73 -16.85
CA MET B 340 -20.62 -16.57 -17.42
C MET B 340 -21.84 -16.66 -16.50
N GLU B 341 -21.62 -16.87 -15.20
CA GLU B 341 -22.71 -16.83 -14.21
C GLU B 341 -23.58 -15.60 -14.36
N LEU B 342 -22.94 -14.48 -14.67
CA LEU B 342 -23.64 -13.22 -14.84
C LEU B 342 -24.48 -13.22 -16.10
N VAL B 343 -23.88 -13.56 -17.25
CA VAL B 343 -24.61 -13.57 -18.53
C VAL B 343 -25.80 -14.57 -18.54
N SER B 344 -25.64 -15.68 -17.82
CA SER B 344 -26.72 -16.65 -17.58
C SER B 344 -27.91 -16.04 -16.82
N VAL B 345 -27.62 -15.36 -15.72
CA VAL B 345 -28.66 -14.65 -14.95
C VAL B 345 -29.20 -13.43 -15.70
N LYS B 346 -28.38 -12.85 -16.56
CA LYS B 346 -28.77 -11.66 -17.31
C LYS B 346 -29.86 -11.99 -18.34
N ARG B 347 -29.64 -13.03 -19.13
CA ARG B 347 -30.65 -13.48 -20.11
C ARG B 347 -31.86 -14.08 -19.42
N GLN B 348 -31.63 -14.86 -18.36
CA GLN B 348 -32.71 -15.44 -17.56
C GLN B 348 -33.66 -14.36 -17.02
N ILE B 349 -33.14 -13.15 -16.81
CA ILE B 349 -33.96 -11.98 -16.50
C ILE B 349 -34.86 -11.65 -17.69
N GLN B 350 -34.28 -11.47 -18.87
CA GLN B 350 -35.04 -11.07 -20.07
C GLN B 350 -36.08 -12.09 -20.56
N ASN B 351 -35.87 -13.34 -20.19
CA ASN B 351 -36.86 -14.38 -20.40
C ASN B 351 -38.14 -14.12 -19.61
N ILE B 352 -38.00 -13.92 -18.29
CA ILE B 352 -39.15 -13.62 -17.40
C ILE B 352 -39.69 -12.18 -17.64
N LYS B 353 -38.82 -11.29 -18.09
CA LYS B 353 -39.24 -9.93 -18.46
C LYS B 353 -40.19 -10.00 -19.64
N GLN B 354 -39.84 -10.83 -20.63
CA GLN B 354 -40.70 -11.12 -21.81
C GLN B 354 -41.96 -11.93 -21.45
N THR B 355 -41.78 -13.02 -20.71
CA THR B 355 -42.88 -13.84 -20.18
C THR B 355 -43.93 -13.01 -19.41
N ASN B 356 -43.49 -12.24 -18.43
CA ASN B 356 -44.41 -11.41 -17.65
C ASN B 356 -45.01 -10.26 -18.45
N SER B 357 -44.28 -9.76 -19.45
CA SER B 357 -44.81 -8.76 -20.36
C SER B 357 -46.07 -9.24 -21.14
N ALA B 358 -46.12 -10.52 -21.50
CA ALA B 358 -47.31 -11.13 -22.15
C ALA B 358 -48.47 -11.28 -21.16
N LEU B 359 -48.23 -11.95 -20.02
CA LEU B 359 -49.26 -12.12 -18.96
C LEU B 359 -49.84 -10.81 -18.47
N LYS B 360 -49.08 -9.73 -18.58
CA LYS B 360 -49.59 -8.39 -18.27
C LYS B 360 -50.63 -7.98 -19.30
N GLU B 361 -50.35 -8.20 -20.58
CA GLU B 361 -51.28 -7.81 -21.66
C GLU B 361 -52.57 -8.63 -21.67
N LYS B 362 -52.50 -9.90 -21.27
CA LYS B 362 -53.71 -10.74 -21.08
C LYS B 362 -54.65 -10.21 -19.98
N LEU B 363 -54.13 -9.48 -19.00
CA LEU B 363 -54.99 -8.81 -18.01
C LEU B 363 -55.49 -7.41 -18.46
N ASP B 364 -55.38 -7.09 -19.75
CA ASP B 364 -55.74 -5.76 -20.24
C ASP B 364 -57.25 -5.55 -20.17
N GLY B 365 -57.66 -4.39 -19.66
CA GLY B 365 -59.06 -4.09 -19.36
C GLY B 365 -59.39 -4.26 -17.88
N GLY B 366 -58.53 -4.97 -17.14
CA GLY B 366 -58.79 -5.29 -15.75
C GLY B 366 -60.05 -6.14 -15.65
N ILE B 367 -60.79 -5.94 -14.56
CA ILE B 367 -62.08 -6.60 -14.40
C ILE B 367 -63.24 -5.60 -14.33
N GLU B 368 -63.15 -4.50 -15.09
CA GLU B 368 -64.17 -3.45 -15.04
C GLU B 368 -65.49 -3.88 -15.65
N PRO B 369 -65.45 -4.55 -16.82
CA PRO B 369 -66.70 -5.06 -17.38
C PRO B 369 -67.35 -6.21 -16.59
N TYR B 370 -66.80 -6.59 -15.43
CA TYR B 370 -67.29 -7.72 -14.66
C TYR B 370 -67.62 -7.37 -13.23
N ARG B 371 -67.75 -6.07 -12.95
CA ARG B 371 -67.86 -5.57 -11.58
C ARG B 371 -69.30 -5.17 -11.33
N LEU B 372 -69.85 -5.58 -10.19
CA LEU B 372 -71.25 -5.33 -9.88
C LEU B 372 -71.38 -4.08 -9.03
N PRO B 373 -72.37 -3.21 -9.33
CA PRO B 373 -72.59 -2.03 -8.47
C PRO B 373 -72.97 -2.37 -7.00
N GLU B 374 -73.16 -1.33 -6.19
CA GLU B 374 -73.27 -1.43 -4.72
C GLU B 374 -74.71 -1.70 -4.18
N VAL B 375 -74.88 -2.81 -3.46
CA VAL B 375 -76.13 -3.12 -2.76
C VAL B 375 -76.01 -2.50 -1.36
N ILE B 376 -76.80 -1.48 -1.05
CA ILE B 376 -76.59 -0.65 0.16
C ILE B 376 -77.83 -0.65 1.05
N GLN B 377 -78.01 -1.73 1.81
CA GLN B 377 -79.26 -1.97 2.55
C GLN B 377 -79.02 -2.19 4.03
N LYS B 378 -80.06 -1.97 4.81
CA LYS B 378 -79.96 -1.86 6.26
C LYS B 378 -80.34 -3.17 6.93
N CYS B 379 -79.46 -3.68 7.79
CA CYS B 379 -79.68 -4.97 8.47
C CYS B 379 -80.96 -4.99 9.34
N ASN B 380 -81.95 -5.77 8.90
CA ASN B 380 -83.30 -5.84 9.50
C ASN B 380 -83.40 -6.96 10.55
N ALA B 381 -84.40 -6.86 11.42
CA ALA B 381 -84.65 -7.84 12.48
C ALA B 381 -85.42 -9.06 11.99
N ARG B 382 -86.60 -8.84 11.37
CA ARG B 382 -87.53 -9.93 10.99
C ARG B 382 -86.90 -10.92 10.00
N TRP B 383 -87.40 -12.16 10.03
CA TRP B 383 -87.03 -13.20 9.07
C TRP B 383 -88.21 -13.53 8.15
N THR B 384 -88.38 -12.75 7.08
CA THR B 384 -89.46 -13.03 6.13
C THR B 384 -89.29 -14.47 5.66
N THR B 385 -90.40 -15.16 5.40
CA THR B 385 -90.32 -16.56 4.96
C THR B 385 -89.39 -16.69 3.74
N GLU B 386 -89.43 -15.70 2.84
CA GLU B 386 -88.43 -15.56 1.78
C GLU B 386 -87.01 -15.75 2.32
N GLU B 387 -86.67 -14.92 3.31
CA GLU B 387 -85.34 -14.88 3.92
C GLU B 387 -84.95 -16.19 4.59
N GLN B 388 -85.93 -16.85 5.22
CA GLN B 388 -85.70 -18.16 5.85
C GLN B 388 -85.28 -19.22 4.82
N LEU B 389 -85.89 -19.15 3.65
CA LEU B 389 -85.65 -20.12 2.59
C LEU B 389 -84.31 -19.85 1.92
N LEU B 390 -84.03 -18.58 1.62
CA LEU B 390 -82.70 -18.18 1.16
C LEU B 390 -81.62 -18.71 2.11
N ALA B 391 -81.89 -18.62 3.42
CA ALA B 391 -80.95 -19.11 4.43
C ALA B 391 -80.66 -20.58 4.25
N VAL B 392 -81.67 -21.44 4.42
CA VAL B 392 -81.50 -22.89 4.28
C VAL B 392 -80.65 -23.29 3.08
N GLN B 393 -80.96 -22.72 1.91
CA GLN B 393 -80.24 -23.04 0.67
C GLN B 393 -78.82 -22.59 0.72
N ALA B 394 -78.59 -21.44 1.37
CA ALA B 394 -77.25 -20.89 1.59
C ALA B 394 -76.44 -21.81 2.50
N ILE B 395 -77.07 -22.23 3.60
CA ILE B 395 -76.47 -23.23 4.50
C ILE B 395 -76.06 -24.48 3.72
N ARG B 396 -76.93 -24.94 2.81
CA ARG B 396 -76.64 -26.09 1.97
C ARG B 396 -75.38 -25.90 1.13
N LYS B 397 -75.26 -24.73 0.51
CA LYS B 397 -74.12 -24.42 -0.37
C LYS B 397 -72.85 -24.03 0.39
N TYR B 398 -72.99 -23.28 1.48
CA TYR B 398 -71.85 -22.67 2.17
C TYR B 398 -71.46 -23.27 3.53
N GLY B 399 -72.35 -24.09 4.11
CA GLY B 399 -72.10 -24.73 5.41
C GLY B 399 -72.11 -23.78 6.60
N ARG B 400 -70.93 -23.29 6.96
CA ARG B 400 -70.74 -22.43 8.14
C ARG B 400 -70.17 -21.05 7.82
N ASP B 401 -69.93 -20.75 6.55
CA ASP B 401 -69.36 -19.47 6.19
C ASP B 401 -70.43 -18.40 6.42
N PHE B 402 -70.56 -17.99 7.67
CA PHE B 402 -71.66 -17.12 8.09
C PHE B 402 -71.61 -15.80 7.34
N GLN B 403 -70.39 -15.38 6.97
CA GLN B 403 -70.17 -14.13 6.26
C GLN B 403 -70.75 -14.17 4.85
N ALA B 404 -70.45 -15.25 4.13
CA ALA B 404 -71.05 -15.54 2.83
C ALA B 404 -72.58 -15.67 2.91
N ILE B 405 -73.07 -16.40 3.90
CA ILE B 405 -74.53 -16.50 4.12
C ILE B 405 -75.18 -15.13 4.40
N SER B 406 -74.55 -14.33 5.27
CA SER B 406 -74.98 -12.94 5.51
C SER B 406 -75.03 -12.11 4.23
N ASP B 407 -73.99 -12.23 3.40
CA ASP B 407 -73.91 -11.50 2.14
C ASP B 407 -75.03 -11.89 1.17
N VAL B 408 -75.35 -13.18 1.11
CA VAL B 408 -76.41 -13.70 0.24
C VAL B 408 -77.75 -13.11 0.62
N ILE B 409 -78.13 -13.32 1.89
CA ILE B 409 -79.45 -12.88 2.37
C ILE B 409 -79.60 -11.36 2.24
N GLY B 410 -78.54 -10.62 2.53
CA GLY B 410 -78.46 -9.19 2.21
C GLY B 410 -78.72 -8.24 3.37
N ASN B 411 -79.61 -8.63 4.29
CA ASN B 411 -80.02 -7.78 5.40
C ASN B 411 -80.00 -8.56 6.72
N LYS B 412 -78.89 -9.24 6.97
CA LYS B 412 -78.72 -9.92 8.24
C LYS B 412 -77.28 -9.79 8.65
N SER B 413 -77.05 -9.17 9.80
CA SER B 413 -75.73 -9.18 10.43
C SER B 413 -75.28 -10.61 10.71
N VAL B 414 -73.96 -10.78 10.85
CA VAL B 414 -73.35 -12.12 10.86
C VAL B 414 -73.69 -12.92 12.15
N VAL B 415 -74.01 -12.19 13.21
CA VAL B 415 -74.52 -12.80 14.43
C VAL B 415 -75.97 -13.25 14.23
N GLN B 416 -76.82 -12.39 13.66
CA GLN B 416 -78.22 -12.74 13.37
C GLN B 416 -78.26 -14.08 12.65
N VAL B 417 -77.29 -14.29 11.75
CA VAL B 417 -77.09 -15.55 11.04
C VAL B 417 -76.72 -16.71 11.97
N LYS B 418 -75.72 -16.53 12.84
CA LYS B 418 -75.37 -17.55 13.84
C LYS B 418 -76.57 -17.80 14.78
N ASN B 419 -77.13 -16.69 15.25
CA ASN B 419 -78.33 -16.69 16.07
C ASN B 419 -79.47 -17.49 15.39
N PHE B 420 -79.61 -17.35 14.08
CA PHE B 420 -80.56 -18.13 13.26
C PHE B 420 -80.35 -19.63 13.41
N PHE B 421 -79.09 -20.08 13.38
CA PHE B 421 -78.79 -21.51 13.38
C PHE B 421 -79.49 -22.17 14.54
N VAL B 422 -79.20 -21.68 15.75
CA VAL B 422 -79.60 -22.33 17.01
C VAL B 422 -81.10 -22.57 17.22
N ASN B 423 -81.92 -21.56 16.94
CA ASN B 423 -83.37 -21.59 17.25
C ASN B 423 -84.21 -22.31 16.16
N TYR B 424 -83.88 -22.01 14.91
CA TYR B 424 -84.52 -22.70 13.78
C TYR B 424 -83.95 -24.10 13.52
N ARG B 425 -82.81 -24.43 14.12
CA ARG B 425 -82.11 -25.72 13.91
C ARG B 425 -83.00 -26.94 13.93
N ARG B 426 -83.89 -26.96 14.90
CA ARG B 426 -84.90 -28.01 15.02
C ARG B 426 -85.82 -28.06 13.76
N ARG B 427 -86.37 -26.91 13.39
CA ARG B 427 -87.43 -26.81 12.38
C ARG B 427 -87.00 -26.96 10.91
N PHE B 428 -85.76 -26.59 10.59
CA PHE B 428 -85.18 -26.83 9.26
C PHE B 428 -84.05 -27.89 9.29
N ASN B 429 -84.04 -28.73 10.31
CA ASN B 429 -83.07 -29.85 10.43
C ASN B 429 -81.64 -29.44 10.05
N ILE B 430 -81.16 -28.31 10.55
CA ILE B 430 -79.93 -27.67 10.03
C ILE B 430 -78.78 -28.68 10.10
N ASP B 431 -78.75 -29.47 11.18
CA ASP B 431 -77.83 -30.62 11.31
C ASP B 431 -77.78 -31.41 10.01
N GLU B 432 -78.96 -31.90 9.61
CA GLU B 432 -79.15 -32.70 8.39
C GLU B 432 -78.64 -32.00 7.13
N VAL B 433 -78.82 -30.69 7.06
CA VAL B 433 -78.39 -29.89 5.91
C VAL B 433 -76.86 -29.88 5.79
N LEU B 434 -76.16 -29.75 6.91
CA LEU B 434 -74.69 -29.69 6.85
C LEU B 434 -74.08 -31.10 6.72
N GLN B 435 -74.87 -32.15 6.99
CA GLN B 435 -74.46 -33.52 6.62
C GLN B 435 -74.43 -33.67 5.11
N GLU B 436 -75.39 -33.02 4.43
CA GLU B 436 -75.38 -32.92 2.96
C GLU B 436 -74.19 -32.07 2.45
N TRP B 437 -73.85 -31.00 3.18
CA TRP B 437 -72.55 -30.34 3.02
C TRP B 437 -71.47 -31.24 3.63
N GLU B 438 -70.19 -30.95 3.41
CA GLU B 438 -69.06 -31.82 3.86
C GLU B 438 -69.01 -33.13 3.03
N ALA B 439 -70.17 -33.80 2.90
CA ALA B 439 -70.39 -34.83 1.89
C ALA B 439 -70.32 -34.29 0.45
N GLU B 440 -70.74 -33.04 0.22
CA GLU B 440 -70.40 -32.30 -1.02
C GLU B 440 -69.09 -31.49 -0.88
N HIS B 441 -68.59 -31.31 0.33
CA HIS B 441 -67.23 -30.80 0.62
C HIS B 441 -67.14 -29.29 0.44
PA FAD C . 29.20 4.43 -2.54
O1A FAD C . 29.12 3.68 -3.90
O2A FAD C . 28.71 5.88 -2.29
O5B FAD C . 30.79 4.50 -2.25
C5B FAD C . 31.63 3.35 -2.39
C4B FAD C . 32.88 3.67 -3.20
O4B FAD C . 33.54 2.43 -3.57
C3B FAD C . 32.56 4.42 -4.50
O3B FAD C . 33.20 5.72 -4.46
C2B FAD C . 33.04 3.42 -5.56
O2B FAD C . 33.58 3.95 -6.76
C1B FAD C . 34.11 2.64 -4.84
N9A FAD C . 34.49 1.35 -5.47
C8A FAD C . 33.70 0.47 -6.11
N7A FAD C . 34.41 -0.61 -6.54
C5A FAD C . 35.68 -0.41 -6.17
C6A FAD C . 36.94 -1.15 -6.30
N6A FAD C . 36.93 -2.35 -6.94
N1A FAD C . 38.08 -0.60 -5.77
C2A FAD C . 38.06 0.60 -5.13
N3A FAD C . 36.93 1.33 -4.98
C4A FAD C . 35.73 0.88 -5.46
N1 FAD C . 19.98 8.69 -0.49
C2 FAD C . 19.23 9.66 0.16
O2 FAD C . 19.28 9.83 1.42
N3 FAD C . 18.44 10.46 -0.56
C4 FAD C . 18.33 10.39 -1.90
O4 FAD C . 17.62 11.14 -2.59
C4X FAD C . 19.08 9.39 -2.63
N5 FAD C . 18.93 9.35 -3.96
C5X FAD C . 19.61 8.44 -4.65
C6 FAD C . 19.45 8.45 -6.04
C7 FAD C . 20.14 7.54 -6.82
C7M FAD C . 19.93 7.53 -8.32
C8 FAD C . 21.06 6.58 -6.16
C8M FAD C . 21.82 5.58 -6.97
C9 FAD C . 21.22 6.58 -4.77
C9A FAD C . 20.53 7.48 -3.96
N10 FAD C . 20.69 7.52 -2.54
C10 FAD C . 19.94 8.50 -1.85
C1' FAD C . 21.56 6.60 -1.79
C2' FAD C . 23.01 7.08 -1.65
O2' FAD C . 23.52 7.68 -2.86
C3' FAD C . 23.93 5.92 -1.33
O3' FAD C . 23.19 5.00 -0.51
C4' FAD C . 25.22 6.34 -0.60
O4' FAD C . 25.95 7.44 -1.22
C5' FAD C . 26.16 5.15 -0.57
O5' FAD C . 27.41 5.40 0.06
P FAD C . 28.33 4.08 0.17
O1P FAD C . 29.67 4.57 0.68
O2P FAD C . 27.65 2.95 0.90
O3P FAD C . 28.61 3.49 -1.34
#